data_6X81
#
_entry.id   6X81
#
_cell.length_a   84.636
_cell.length_b   115.054
_cell.length_c   122.684
_cell.angle_alpha   90.000
_cell.angle_beta   90.000
_cell.angle_gamma   90.000
#
_symmetry.space_group_name_H-M   'P 21 21 21'
#
loop_
_entity.id
_entity.type
_entity.pdbx_description
1 polymer 'Tumor necrosis factor'
2 non-polymer [4-(isoquinolin-8-yl)phenyl]acetonitrile
3 water water
#
_entity_poly.entity_id   1
_entity_poly.type   'polypeptide(L)'
_entity_poly.pdbx_seq_one_letter_code
;MVRSSSRTPSDKPVAHVVANPQAEGQLQWLNRRANALLANGVELRDNQLVVPSEGLYLIYSQVLFKGQGCPSTHVLLTHT
ISRIAVSYQTKVNLLSAIKSPCQRETPEGAEAKPWYEPIYLGGVFQLEKGDRLSAEINRPDYLDFAESGQVYFGIIAL
;
_entity_poly.pdbx_strand_id   A,B,C,D,E,F
#
# COMPACT_ATOMS: atom_id res chain seq x y z
N SER A 10 14.48 -16.71 7.92
CA SER A 10 13.52 -16.87 9.01
C SER A 10 12.17 -17.43 8.54
N ASP A 11 11.70 -18.47 9.24
CA ASP A 11 10.47 -19.20 8.94
C ASP A 11 9.28 -18.80 9.79
N LYS A 12 9.44 -17.77 10.63
CA LYS A 12 8.42 -17.25 11.55
C LYS A 12 7.15 -16.71 10.84
N PRO A 13 5.95 -17.31 11.10
CA PRO A 13 4.70 -16.76 10.52
C PRO A 13 4.40 -15.34 11.03
N VAL A 14 4.31 -14.36 10.10
CA VAL A 14 4.03 -12.95 10.39
C VAL A 14 3.01 -12.35 9.37
N ALA A 15 2.31 -11.27 9.80
CA ALA A 15 1.35 -10.52 9.00
C ALA A 15 1.18 -9.14 9.58
N HIS A 16 1.13 -8.13 8.72
CA HIS A 16 0.83 -6.75 9.08
C HIS A 16 -0.06 -6.22 7.98
N VAL A 17 -1.37 -6.11 8.24
CA VAL A 17 -2.33 -5.68 7.22
C VAL A 17 -2.90 -4.29 7.60
N VAL A 18 -3.24 -3.50 6.58
CA VAL A 18 -3.76 -2.14 6.78
C VAL A 18 -5.15 -1.95 6.11
N ALA A 19 -5.88 -0.89 6.48
CA ALA A 19 -7.23 -0.62 5.92
C ALA A 19 -7.17 -0.23 4.45
N ASN A 20 -8.07 -0.76 3.63
CA ASN A 20 -8.13 -0.48 2.19
C ASN A 20 -8.85 0.85 1.96
N PRO A 21 -8.14 1.92 1.49
CA PRO A 21 -8.81 3.21 1.25
C PRO A 21 -9.88 3.19 0.15
N GLN A 22 -9.80 2.19 -0.77
CA GLN A 22 -10.69 2.00 -1.91
C GLN A 22 -12.04 1.42 -1.53
N ALA A 23 -12.18 0.93 -0.26
CA ALA A 23 -13.40 0.33 0.30
C ALA A 23 -13.89 1.17 1.46
N GLU A 24 -13.94 2.50 1.27
CA GLU A 24 -14.39 3.47 2.28
C GLU A 24 -15.84 3.17 2.71
N GLY A 25 -16.11 3.27 4.02
CA GLY A 25 -17.40 2.97 4.62
C GLY A 25 -17.45 1.55 5.16
N GLN A 26 -16.33 0.85 5.05
CA GLN A 26 -16.18 -0.55 5.48
C GLN A 26 -14.75 -0.70 5.98
N LEU A 27 -14.50 -1.59 6.94
CA LEU A 27 -13.13 -1.84 7.38
C LEU A 27 -12.65 -3.11 6.68
N GLN A 28 -12.05 -2.92 5.50
CA GLN A 28 -11.53 -4.01 4.68
C GLN A 28 -9.99 -4.05 4.74
N TRP A 29 -9.43 -5.11 5.34
CA TRP A 29 -7.99 -5.28 5.49
C TRP A 29 -7.39 -5.69 4.18
N LEU A 30 -6.19 -5.15 3.87
CA LEU A 30 -5.44 -5.44 2.64
C LEU A 30 -3.94 -5.35 2.92
N ASN A 31 -3.17 -6.25 2.27
CA ASN A 31 -1.71 -6.34 2.30
C ASN A 31 -1.12 -5.37 1.21
N ARG A 32 -1.44 -4.09 1.37
CA ARG A 32 -1.04 -2.96 0.53
C ARG A 32 0.45 -2.96 0.23
N ARG A 33 0.81 -2.52 -0.97
CA ARG A 33 2.18 -2.54 -1.49
C ARG A 33 3.24 -1.80 -0.58
N ALA A 34 2.92 -0.58 -0.11
CA ALA A 34 3.80 0.30 0.69
C ALA A 34 4.20 -0.13 2.13
N ASN A 35 3.24 -0.61 2.95
CA ASN A 35 3.49 -0.88 4.37
C ASN A 35 2.84 -2.13 4.95
N ALA A 36 2.28 -2.97 4.10
CA ALA A 36 1.64 -4.19 4.55
C ALA A 36 2.25 -5.42 3.91
N LEU A 37 1.99 -6.61 4.49
CA LEU A 37 2.52 -7.91 4.06
C LEU A 37 1.84 -9.08 4.74
N LEU A 38 2.07 -10.27 4.18
CA LEU A 38 1.69 -11.60 4.60
C LEU A 38 2.97 -12.38 4.39
N ALA A 39 3.45 -13.13 5.38
CA ALA A 39 4.67 -13.91 5.20
C ALA A 39 4.63 -15.25 5.93
N ASN A 40 5.42 -16.23 5.42
CA ASN A 40 5.66 -17.57 5.95
C ASN A 40 4.40 -18.39 6.27
N GLY A 41 3.44 -18.34 5.34
CA GLY A 41 2.23 -19.15 5.43
C GLY A 41 0.94 -18.49 5.85
N VAL A 42 1.01 -17.26 6.43
CA VAL A 42 -0.16 -16.51 6.91
C VAL A 42 -0.92 -16.03 5.68
N GLU A 43 -2.24 -16.24 5.67
CA GLU A 43 -3.12 -15.87 4.54
C GLU A 43 -4.22 -14.87 4.89
N LEU A 44 -4.72 -14.13 3.90
CA LEU A 44 -5.78 -13.14 4.08
C LEU A 44 -6.97 -13.59 3.24
N ARG A 45 -7.98 -14.19 3.90
CA ARG A 45 -9.23 -14.71 3.28
C ARG A 45 -10.44 -14.21 4.02
N ASP A 46 -11.49 -13.77 3.29
CA ASP A 46 -12.77 -13.28 3.82
C ASP A 46 -12.57 -12.22 4.92
N ASN A 47 -11.62 -11.28 4.69
CA ASN A 47 -11.22 -10.22 5.62
C ASN A 47 -10.62 -10.77 6.93
N GLN A 48 -10.08 -12.01 6.90
CA GLN A 48 -9.52 -12.67 8.08
C GLN A 48 -8.10 -13.16 7.89
N LEU A 49 -7.31 -13.17 8.98
CA LEU A 49 -5.94 -13.68 8.97
C LEU A 49 -5.99 -15.15 9.33
N VAL A 50 -5.50 -16.04 8.43
CA VAL A 50 -5.48 -17.50 8.60
C VAL A 50 -4.12 -17.99 9.10
N VAL A 51 -4.09 -18.61 10.28
CA VAL A 51 -2.89 -19.11 10.96
C VAL A 51 -2.34 -20.40 10.27
N PRO A 52 -1.04 -20.42 9.86
CA PRO A 52 -0.49 -21.62 9.21
C PRO A 52 -0.11 -22.79 10.13
N SER A 53 0.25 -22.50 11.38
CA SER A 53 0.71 -23.53 12.32
C SER A 53 0.38 -23.24 13.78
N GLU A 54 0.31 -24.29 14.62
CA GLU A 54 0.05 -24.25 16.06
C GLU A 54 1.11 -23.46 16.83
N GLY A 55 0.72 -22.79 17.93
CA GLY A 55 1.66 -22.07 18.79
C GLY A 55 1.21 -20.73 19.37
N LEU A 56 2.11 -20.05 20.09
CA LEU A 56 1.85 -18.73 20.70
C LEU A 56 2.10 -17.62 19.70
N TYR A 57 1.17 -16.68 19.59
CA TYR A 57 1.29 -15.56 18.68
C TYR A 57 0.94 -14.26 19.36
N LEU A 58 1.62 -13.16 18.99
CA LEU A 58 1.24 -11.81 19.42
C LEU A 58 0.19 -11.33 18.36
N ILE A 59 -0.97 -10.90 18.82
CA ILE A 59 -2.03 -10.35 17.96
C ILE A 59 -2.17 -8.89 18.42
N TYR A 60 -2.04 -7.94 17.51
CA TYR A 60 -2.11 -6.52 17.83
C TYR A 60 -2.94 -5.78 16.77
N SER A 61 -3.49 -4.61 17.14
CA SER A 61 -4.28 -3.78 16.23
C SER A 61 -4.40 -2.35 16.70
N GLN A 62 -4.67 -1.42 15.78
CA GLN A 62 -5.00 -0.05 16.09
C GLN A 62 -5.92 0.57 15.04
N VAL A 63 -7.09 1.11 15.47
CA VAL A 63 -8.05 1.82 14.61
C VAL A 63 -8.24 3.25 15.17
N LEU A 64 -8.44 4.21 14.28
CA LEU A 64 -8.64 5.61 14.65
C LEU A 64 -9.97 6.13 14.14
N PHE A 65 -10.80 6.60 15.09
CA PHE A 65 -12.09 7.21 14.80
C PHE A 65 -11.96 8.76 14.85
N LYS A 66 -12.67 9.45 13.91
CA LYS A 66 -12.75 10.92 13.81
C LYS A 66 -14.15 11.35 13.36
N GLY A 67 -14.56 12.52 13.84
CA GLY A 67 -15.80 13.18 13.48
C GLY A 67 -15.64 14.67 13.65
N GLN A 68 -16.67 15.44 13.29
CA GLN A 68 -16.66 16.89 13.48
C GLN A 68 -17.85 17.16 14.38
N GLY A 69 -17.57 17.61 15.60
CA GLY A 69 -18.58 17.91 16.60
C GLY A 69 -19.34 16.72 17.15
N CYS A 70 -20.09 16.97 18.24
CA CYS A 70 -20.86 15.96 18.94
C CYS A 70 -22.36 16.04 18.70
N PRO A 71 -22.92 15.01 18.03
CA PRO A 71 -24.36 15.01 17.76
C PRO A 71 -25.21 14.44 18.91
N SER A 72 -26.44 14.01 18.57
CA SER A 72 -27.44 13.42 19.46
C SER A 72 -26.90 12.21 20.24
N THR A 73 -27.47 11.99 21.44
CA THR A 73 -27.19 10.90 22.39
C THR A 73 -25.65 10.67 22.57
N HIS A 74 -25.28 9.44 22.96
CA HIS A 74 -23.93 8.97 23.15
C HIS A 74 -23.50 8.11 21.97
N VAL A 75 -22.41 8.52 21.34
CA VAL A 75 -21.76 7.80 20.27
C VAL A 75 -20.93 6.74 20.99
N LEU A 76 -21.13 5.48 20.63
CA LEU A 76 -20.38 4.38 21.20
C LEU A 76 -19.52 3.79 20.08
N LEU A 77 -18.19 3.69 20.34
CA LEU A 77 -17.20 3.16 19.43
C LEU A 77 -16.67 1.83 19.98
N THR A 78 -16.69 0.77 19.15
CA THR A 78 -16.17 -0.54 19.58
C THR A 78 -15.19 -1.12 18.59
N HIS A 79 -14.21 -1.87 19.10
CA HIS A 79 -13.21 -2.56 18.29
C HIS A 79 -12.99 -3.90 18.92
N THR A 80 -13.13 -4.95 18.12
CA THR A 80 -13.08 -6.34 18.57
C THR A 80 -12.19 -7.25 17.72
N ILE A 81 -11.31 -8.04 18.39
CA ILE A 81 -10.49 -9.09 17.78
C ILE A 81 -11.05 -10.47 18.24
N SER A 82 -11.51 -11.30 17.30
CA SER A 82 -12.11 -12.62 17.57
C SER A 82 -11.39 -13.78 16.87
N ARG A 83 -11.58 -15.01 17.36
CA ARG A 83 -10.96 -16.21 16.79
C ARG A 83 -12.00 -17.27 16.40
N ILE A 84 -11.86 -17.81 15.18
CA ILE A 84 -12.67 -18.93 14.72
C ILE A 84 -11.76 -20.13 14.60
N ALA A 85 -11.91 -21.16 15.47
CA ALA A 85 -11.18 -22.43 15.43
C ALA A 85 -11.84 -23.30 14.34
N VAL A 86 -11.04 -24.05 13.54
CA VAL A 86 -11.63 -24.88 12.45
C VAL A 86 -12.47 -26.03 13.05
N SER A 87 -12.17 -26.44 14.29
CA SER A 87 -12.92 -27.47 15.01
C SER A 87 -14.19 -26.89 15.68
N TYR A 88 -15.37 -27.40 15.25
CA TYR A 88 -16.72 -27.02 15.70
C TYR A 88 -17.11 -25.63 15.27
N GLN A 89 -16.24 -24.97 14.47
CA GLN A 89 -16.44 -23.60 13.98
C GLN A 89 -16.73 -22.66 15.16
N THR A 90 -15.97 -22.87 16.25
CA THR A 90 -16.07 -22.16 17.54
C THR A 90 -15.52 -20.77 17.44
N LYS A 91 -16.37 -19.76 17.76
CA LYS A 91 -15.97 -18.37 17.75
C LYS A 91 -15.87 -17.88 19.19
N VAL A 92 -14.78 -17.18 19.49
CA VAL A 92 -14.47 -16.65 20.81
C VAL A 92 -13.85 -15.21 20.71
N ASN A 93 -14.20 -14.31 21.68
CA ASN A 93 -13.64 -12.97 21.74
C ASN A 93 -12.29 -13.06 22.44
N LEU A 94 -11.23 -12.50 21.80
CA LEU A 94 -9.88 -12.51 22.35
C LEU A 94 -9.62 -11.20 23.01
N LEU A 95 -9.88 -10.08 22.29
CA LEU A 95 -9.70 -8.69 22.76
C LEU A 95 -10.88 -7.83 22.29
N SER A 96 -11.26 -6.84 23.12
CA SER A 96 -12.36 -5.92 22.85
C SER A 96 -12.24 -4.66 23.68
N ALA A 97 -12.76 -3.53 23.18
CA ALA A 97 -12.74 -2.25 23.90
C ALA A 97 -13.90 -1.37 23.49
N ILE A 98 -14.41 -0.52 24.40
CA ILE A 98 -15.53 0.42 24.15
C ILE A 98 -15.13 1.86 24.50
N LYS A 99 -15.41 2.79 23.62
CA LYS A 99 -15.07 4.18 23.85
C LYS A 99 -16.26 5.07 23.54
N SER A 100 -16.48 6.13 24.32
CA SER A 100 -17.56 7.10 24.15
C SER A 100 -16.90 8.45 23.91
N PRO A 101 -16.79 8.90 22.65
CA PRO A 101 -16.05 10.15 22.37
C PRO A 101 -16.71 11.46 22.80
N CYS A 102 -18.03 11.43 23.01
CA CYS A 102 -18.77 12.64 23.30
C CYS A 102 -19.30 12.74 24.70
N GLN A 103 -19.12 13.94 25.29
CA GLN A 103 -19.62 14.30 26.61
C GLN A 103 -19.99 15.78 26.70
N ARG A 104 -21.32 16.02 26.65
CA ARG A 104 -22.05 17.30 26.72
C ARG A 104 -21.40 18.46 25.92
N GLU A 105 -21.09 18.20 24.63
CA GLU A 105 -20.57 19.23 23.75
C GLU A 105 -21.81 19.86 23.09
N THR A 106 -22.52 19.06 22.24
CA THR A 106 -23.77 19.37 21.52
C THR A 106 -24.01 20.91 21.33
N PRO A 107 -23.22 21.62 20.48
CA PRO A 107 -23.43 23.08 20.33
C PRO A 107 -24.65 23.45 19.48
N ALA A 112 -19.18 23.72 16.72
CA ALA A 112 -18.72 22.33 16.76
C ALA A 112 -17.21 22.24 16.51
N LYS A 113 -16.54 21.19 17.07
CA LYS A 113 -15.09 20.96 16.92
C LYS A 113 -14.73 19.46 16.67
N PRO A 114 -13.78 19.15 15.72
CA PRO A 114 -13.45 17.75 15.44
C PRO A 114 -12.81 16.96 16.59
N TRP A 115 -13.22 15.70 16.77
CA TRP A 115 -12.69 14.84 17.83
C TRP A 115 -11.94 13.64 17.29
N TYR A 116 -11.02 13.09 18.09
CA TYR A 116 -10.20 11.94 17.72
C TYR A 116 -10.21 10.91 18.81
N GLU A 117 -10.50 9.63 18.45
CA GLU A 117 -10.50 8.52 19.40
C GLU A 117 -9.79 7.28 18.89
N PRO A 118 -8.56 7.02 19.35
CA PRO A 118 -7.91 5.78 18.91
C PRO A 118 -8.29 4.60 19.83
N ILE A 119 -8.31 3.39 19.26
CA ILE A 119 -8.48 2.14 19.99
C ILE A 119 -7.31 1.25 19.57
N TYR A 120 -6.53 0.81 20.55
CA TYR A 120 -5.38 -0.07 20.39
C TYR A 120 -5.62 -1.30 21.25
N LEU A 121 -5.31 -2.47 20.69
CA LEU A 121 -5.51 -3.76 21.34
C LEU A 121 -4.31 -4.61 21.04
N GLY A 122 -3.97 -5.51 21.96
CA GLY A 122 -2.88 -6.46 21.80
C GLY A 122 -2.82 -7.52 22.89
N GLY A 123 -2.29 -8.70 22.54
CA GLY A 123 -2.10 -9.79 23.49
C GLY A 123 -1.47 -11.02 22.89
N VAL A 124 -1.02 -11.95 23.75
CA VAL A 124 -0.38 -13.21 23.38
C VAL A 124 -1.40 -14.35 23.58
N PHE A 125 -1.63 -15.15 22.51
CA PHE A 125 -2.61 -16.22 22.51
C PHE A 125 -2.12 -17.53 21.87
N GLN A 126 -2.62 -18.70 22.38
CA GLN A 126 -2.35 -20.01 21.79
C GLN A 126 -3.28 -20.24 20.58
N LEU A 127 -2.70 -20.30 19.39
CA LEU A 127 -3.50 -20.53 18.19
C LEU A 127 -3.25 -21.90 17.60
N GLU A 128 -4.23 -22.41 16.89
CA GLU A 128 -4.16 -23.70 16.23
C GLU A 128 -4.07 -23.48 14.71
N LYS A 129 -3.60 -24.50 13.97
CA LYS A 129 -3.47 -24.43 12.51
C LYS A 129 -4.86 -24.31 11.89
N GLY A 130 -5.05 -23.28 11.07
CA GLY A 130 -6.32 -23.08 10.38
C GLY A 130 -7.25 -22.08 11.03
N ASP A 131 -6.88 -21.60 12.25
CA ASP A 131 -7.65 -20.60 12.98
C ASP A 131 -7.73 -19.33 12.16
N ARG A 132 -8.88 -18.64 12.21
CA ARG A 132 -9.13 -17.38 11.50
C ARG A 132 -9.34 -16.25 12.47
N LEU A 133 -8.67 -15.13 12.23
CA LEU A 133 -8.79 -13.97 13.14
C LEU A 133 -9.39 -12.80 12.45
N SER A 134 -10.37 -12.17 13.09
CA SER A 134 -11.03 -10.99 12.55
C SER A 134 -10.79 -9.79 13.47
N ALA A 135 -10.73 -8.58 12.88
CA ALA A 135 -10.59 -7.31 13.60
C ALA A 135 -11.68 -6.40 13.07
N GLU A 136 -12.77 -6.22 13.84
CA GLU A 136 -13.97 -5.49 13.41
C GLU A 136 -14.31 -4.25 14.23
N ILE A 137 -15.02 -3.29 13.62
CA ILE A 137 -15.48 -2.04 14.26
C ILE A 137 -17.00 -1.86 14.03
N ASN A 138 -17.69 -1.12 14.94
CA ASN A 138 -19.12 -0.88 14.85
C ASN A 138 -19.47 0.34 14.01
N ARG A 139 -18.53 1.30 13.91
CA ARG A 139 -18.81 2.53 13.19
C ARG A 139 -17.80 2.82 12.11
N PRO A 140 -17.92 2.16 10.92
CA PRO A 140 -16.99 2.45 9.82
C PRO A 140 -17.14 3.84 9.20
N ASP A 141 -18.24 4.54 9.50
CA ASP A 141 -18.50 5.91 9.00
C ASP A 141 -17.59 6.94 9.68
N TYR A 142 -17.05 6.61 10.89
CA TYR A 142 -16.13 7.44 11.69
C TYR A 142 -14.65 7.12 11.46
N LEU A 143 -14.37 6.00 10.79
CA LEU A 143 -13.00 5.56 10.50
C LEU A 143 -12.27 6.62 9.72
N ASP A 144 -11.10 7.03 10.21
CA ASP A 144 -10.28 8.04 9.56
C ASP A 144 -9.44 7.40 8.46
N PHE A 145 -9.40 8.01 7.26
CA PHE A 145 -8.56 7.57 6.13
C PHE A 145 -7.56 8.67 5.74
N ALA A 146 -7.43 9.72 6.61
CA ALA A 146 -6.57 10.90 6.39
C ALA A 146 -5.10 10.60 6.07
N GLU A 147 -4.49 9.64 6.79
CA GLU A 147 -3.09 9.28 6.63
C GLU A 147 -2.84 7.78 6.33
N SER A 148 -1.61 7.49 5.87
CA SER A 148 -1.10 6.21 5.38
C SER A 148 -1.14 5.00 6.37
N GLY A 149 -0.80 5.15 7.66
CA GLY A 149 -0.76 3.97 8.53
C GLY A 149 -1.26 4.05 9.96
N GLN A 150 -2.48 4.58 10.17
CA GLN A 150 -3.09 4.74 11.48
C GLN A 150 -3.95 3.55 11.85
N VAL A 151 -4.52 2.87 10.85
CA VAL A 151 -5.37 1.71 11.10
C VAL A 151 -4.68 0.46 10.50
N TYR A 152 -4.29 -0.49 11.37
CA TYR A 152 -3.55 -1.72 11.04
C TYR A 152 -3.91 -2.90 11.94
N PHE A 153 -3.63 -4.13 11.47
CA PHE A 153 -3.92 -5.39 12.18
C PHE A 153 -2.76 -6.38 11.91
N GLY A 154 -2.23 -7.02 12.94
CA GLY A 154 -1.11 -7.93 12.71
C GLY A 154 -0.92 -9.10 13.66
N ILE A 155 -0.14 -10.10 13.24
CA ILE A 155 0.23 -11.29 14.03
C ILE A 155 1.74 -11.56 13.90
N ILE A 156 2.39 -11.92 15.02
CA ILE A 156 3.83 -12.29 15.05
C ILE A 156 3.96 -13.52 15.92
N ALA A 157 4.37 -14.66 15.35
CA ALA A 157 4.57 -15.89 16.13
C ALA A 157 5.71 -15.71 17.11
N LEU A 158 5.57 -16.21 18.33
CA LEU A 158 6.65 -16.10 19.33
C LEU A 158 7.74 -17.14 19.01
N SER B 10 20.09 -26.13 20.11
CA SER B 10 19.51 -25.48 18.95
C SER B 10 18.49 -24.36 19.29
N ASP B 11 18.12 -24.23 20.59
CA ASP B 11 17.14 -23.23 21.02
C ASP B 11 17.70 -22.21 22.02
N LYS B 12 17.09 -21.02 21.99
CA LYS B 12 17.47 -19.83 22.73
C LYS B 12 16.65 -19.54 24.01
N PRO B 13 17.24 -18.83 25.02
CA PRO B 13 16.49 -18.49 26.25
C PRO B 13 15.24 -17.63 26.00
N VAL B 14 14.06 -18.06 26.50
CA VAL B 14 12.78 -17.32 26.39
C VAL B 14 11.98 -17.33 27.71
N ALA B 15 11.07 -16.35 27.84
CA ALA B 15 10.16 -16.18 28.97
C ALA B 15 8.97 -15.31 28.60
N HIS B 16 7.77 -15.77 28.97
CA HIS B 16 6.50 -15.07 28.85
C HIS B 16 5.75 -15.39 30.15
N VAL B 17 5.83 -14.48 31.13
CA VAL B 17 5.17 -14.65 32.40
C VAL B 17 3.93 -13.73 32.46
N VAL B 18 2.85 -14.18 33.15
CA VAL B 18 1.53 -13.51 33.28
C VAL B 18 1.20 -13.13 34.75
N ALA B 19 0.43 -12.04 34.95
CA ALA B 19 0.11 -11.55 36.30
C ALA B 19 -0.94 -12.42 36.98
N ASN B 20 -0.79 -12.61 38.30
CA ASN B 20 -1.69 -13.40 39.11
C ASN B 20 -2.99 -12.64 39.39
N PRO B 21 -4.15 -13.09 38.87
CA PRO B 21 -5.41 -12.37 39.13
C PRO B 21 -5.92 -12.45 40.59
N GLN B 22 -5.42 -13.43 41.35
CA GLN B 22 -5.80 -13.63 42.74
C GLN B 22 -4.95 -12.81 43.75
N ALA B 23 -3.92 -12.07 43.28
CA ALA B 23 -3.05 -11.27 44.13
C ALA B 23 -3.55 -9.83 44.15
N GLU B 24 -4.55 -9.62 45.00
CA GLU B 24 -5.30 -8.37 45.19
C GLU B 24 -4.42 -7.14 45.46
N GLY B 25 -4.55 -6.15 44.57
CA GLY B 25 -3.87 -4.87 44.59
C GLY B 25 -2.37 -4.98 44.40
N GLN B 26 -1.95 -6.04 43.68
CA GLN B 26 -0.54 -6.37 43.48
C GLN B 26 -0.22 -6.78 42.03
N LEU B 27 1.07 -6.67 41.67
CA LEU B 27 1.57 -7.12 40.37
C LEU B 27 2.57 -8.28 40.62
N GLN B 28 2.04 -9.52 40.70
CA GLN B 28 2.80 -10.73 40.94
C GLN B 28 2.82 -11.59 39.66
N TRP B 29 4.00 -11.81 39.12
CA TRP B 29 4.27 -12.58 37.89
C TRP B 29 4.26 -14.10 38.13
N LEU B 30 3.69 -14.89 37.18
CA LEU B 30 3.64 -16.36 37.23
C LEU B 30 4.10 -17.05 35.91
N ASN B 31 4.93 -18.12 36.06
CA ASN B 31 5.43 -18.98 34.98
C ASN B 31 4.61 -20.27 34.95
N ARG B 32 4.15 -20.72 36.15
CA ARG B 32 3.35 -21.94 36.37
C ARG B 32 1.88 -21.71 35.96
N ARG B 33 1.67 -21.42 34.67
CA ARG B 33 0.35 -21.18 34.11
C ARG B 33 0.33 -21.41 32.60
N ALA B 34 -0.89 -21.47 32.06
CA ALA B 34 -1.16 -21.52 30.63
C ALA B 34 -1.62 -20.08 30.29
N ASN B 35 -1.00 -19.38 29.32
CA ASN B 35 0.05 -19.91 28.46
C ASN B 35 1.42 -19.24 28.74
N ALA B 36 1.89 -19.39 30.00
CA ALA B 36 3.17 -18.88 30.48
C ALA B 36 4.32 -19.82 30.11
N LEU B 37 5.43 -19.21 29.68
CA LEU B 37 6.63 -19.87 29.18
C LEU B 37 7.89 -19.38 29.94
N LEU B 38 8.83 -20.30 30.21
CA LEU B 38 10.09 -20.06 30.94
C LEU B 38 11.04 -21.20 30.56
N ALA B 39 11.90 -20.95 29.56
CA ALA B 39 12.76 -21.98 29.00
C ALA B 39 14.20 -21.57 28.77
N ASN B 40 15.06 -22.59 28.59
CA ASN B 40 16.49 -22.53 28.28
C ASN B 40 17.35 -21.64 29.23
N GLY B 41 17.09 -21.77 30.53
CA GLY B 41 17.86 -21.06 31.54
C GLY B 41 17.24 -19.82 32.14
N VAL B 42 16.14 -19.30 31.55
CA VAL B 42 15.46 -18.12 32.11
C VAL B 42 14.75 -18.54 33.39
N GLU B 43 14.96 -17.78 34.49
CA GLU B 43 14.35 -18.07 35.77
C GLU B 43 13.49 -16.93 36.25
N LEU B 44 12.38 -17.28 36.92
CA LEU B 44 11.48 -16.32 37.56
C LEU B 44 11.79 -16.43 39.05
N ARG B 45 12.59 -15.50 39.55
CA ARG B 45 13.03 -15.47 40.94
C ARG B 45 12.85 -14.06 41.55
N ASP B 46 12.28 -14.01 42.76
CA ASP B 46 12.01 -12.78 43.54
C ASP B 46 11.19 -11.74 42.75
N ASN B 47 10.12 -12.23 42.06
CA ASN B 47 9.21 -11.51 41.17
C ASN B 47 9.95 -10.79 40.00
N GLN B 48 11.12 -11.35 39.62
CA GLN B 48 11.99 -10.85 38.55
C GLN B 48 12.39 -11.96 37.58
N LEU B 49 12.75 -11.57 36.36
CA LEU B 49 13.26 -12.47 35.31
C LEU B 49 14.82 -12.43 35.39
N VAL B 50 15.46 -13.63 35.52
CA VAL B 50 16.91 -13.78 35.65
C VAL B 50 17.53 -14.14 34.31
N VAL B 51 18.42 -13.26 33.79
CA VAL B 51 19.08 -13.46 32.51
C VAL B 51 20.10 -14.61 32.59
N PRO B 52 19.96 -15.72 31.78
CA PRO B 52 20.89 -16.86 31.93
C PRO B 52 22.27 -16.70 31.30
N SER B 53 22.39 -15.89 30.24
CA SER B 53 23.64 -15.68 29.52
C SER B 53 23.67 -14.32 28.89
N GLU B 54 24.89 -13.83 28.64
CA GLU B 54 25.19 -12.55 28.00
C GLU B 54 24.64 -12.52 26.54
N GLY B 55 24.18 -11.35 26.10
CA GLY B 55 23.66 -11.22 24.73
C GLY B 55 22.54 -10.23 24.53
N LEU B 56 21.98 -10.23 23.31
CA LEU B 56 20.89 -9.34 22.89
C LEU B 56 19.54 -9.96 23.18
N TYR B 57 18.65 -9.18 23.79
CA TYR B 57 17.32 -9.67 24.14
C TYR B 57 16.24 -8.66 23.78
N LEU B 58 15.07 -9.16 23.36
CA LEU B 58 13.89 -8.30 23.18
C LEU B 58 13.17 -8.41 24.55
N ILE B 59 12.94 -7.27 25.21
CA ILE B 59 12.25 -7.19 26.50
C ILE B 59 10.94 -6.48 26.23
N TYR B 60 9.82 -7.02 26.75
CA TYR B 60 8.49 -6.46 26.52
C TYR B 60 7.54 -6.72 27.67
N SER B 61 6.53 -5.84 27.81
CA SER B 61 5.47 -6.01 28.79
C SER B 61 4.21 -5.25 28.39
N GLN B 62 3.10 -5.63 29.03
CA GLN B 62 1.81 -4.98 28.89
C GLN B 62 1.12 -5.05 30.24
N VAL B 63 0.45 -3.94 30.60
CA VAL B 63 -0.38 -3.84 31.79
C VAL B 63 -1.70 -3.13 31.40
N LEU B 64 -2.78 -3.43 32.14
CA LEU B 64 -4.09 -2.82 31.95
C LEU B 64 -4.55 -2.19 33.25
N PHE B 65 -5.02 -0.95 33.16
CA PHE B 65 -5.55 -0.16 34.28
C PHE B 65 -7.02 0.15 34.01
N LYS B 66 -7.84 0.02 35.06
CA LYS B 66 -9.25 0.37 35.11
C LYS B 66 -9.53 1.27 36.32
N GLY B 67 -10.24 2.37 36.07
CA GLY B 67 -10.66 3.29 37.12
C GLY B 67 -12.16 3.46 37.08
N GLN B 68 -12.78 3.57 38.26
CA GLN B 68 -14.24 3.66 38.43
C GLN B 68 -14.90 4.92 37.84
N GLY B 69 -14.12 5.99 37.73
CA GLY B 69 -14.57 7.27 37.20
C GLY B 69 -13.47 8.30 37.25
N CYS B 70 -13.81 9.54 36.94
CA CYS B 70 -12.83 10.63 36.94
C CYS B 70 -13.15 11.73 37.98
N PRO B 71 -12.86 11.47 39.30
CA PRO B 71 -13.11 12.48 40.33
C PRO B 71 -12.23 13.72 40.19
N SER B 72 -11.01 13.54 39.62
CA SER B 72 -10.06 14.62 39.36
C SER B 72 -9.20 14.27 38.17
N THR B 73 -8.56 15.27 37.57
CA THR B 73 -7.71 15.15 36.38
C THR B 73 -6.26 14.91 36.76
N HIS B 74 -5.98 14.68 38.05
CA HIS B 74 -4.61 14.53 38.57
C HIS B 74 -4.11 13.10 38.71
N VAL B 75 -4.99 12.10 38.42
CA VAL B 75 -4.69 10.66 38.45
C VAL B 75 -3.53 10.38 37.46
N LEU B 76 -2.46 9.72 37.93
CA LEU B 76 -1.28 9.43 37.11
C LEU B 76 -0.95 7.95 37.13
N LEU B 77 -0.80 7.35 35.93
CA LEU B 77 -0.47 5.93 35.77
C LEU B 77 0.93 5.83 35.24
N THR B 78 1.76 4.92 35.81
CA THR B 78 3.13 4.67 35.30
C THR B 78 3.37 3.17 35.20
N HIS B 79 4.19 2.76 34.24
CA HIS B 79 4.61 1.39 34.02
C HIS B 79 6.11 1.43 33.62
N THR B 80 6.98 0.71 34.37
CA THR B 80 8.42 0.72 34.19
C THR B 80 9.12 -0.65 34.23
N ILE B 81 10.01 -0.90 33.23
CA ILE B 81 10.88 -2.07 33.18
C ILE B 81 12.29 -1.58 33.58
N SER B 82 12.84 -2.18 34.64
CA SER B 82 14.17 -1.83 35.19
C SER B 82 15.13 -3.01 35.09
N ARG B 83 16.43 -2.69 35.05
CA ARG B 83 17.54 -3.64 35.06
C ARG B 83 18.32 -3.47 36.36
N ILE B 84 18.51 -4.57 37.08
CA ILE B 84 19.37 -4.65 38.26
C ILE B 84 20.55 -5.41 37.72
N ALA B 85 21.66 -4.71 37.50
CA ALA B 85 22.89 -5.27 36.97
C ALA B 85 23.63 -6.05 38.03
N VAL B 86 23.94 -7.32 37.72
CA VAL B 86 24.65 -8.31 38.54
C VAL B 86 25.91 -7.72 39.24
N SER B 87 26.72 -6.93 38.53
CA SER B 87 27.93 -6.31 39.05
C SER B 87 27.64 -5.19 40.06
N TYR B 88 27.52 -3.92 39.61
CA TYR B 88 27.24 -2.71 40.42
C TYR B 88 25.97 -2.79 41.33
N GLN B 89 25.03 -3.72 41.02
CA GLN B 89 23.85 -4.01 41.84
C GLN B 89 22.92 -2.76 42.09
N THR B 90 22.62 -2.00 41.03
CA THR B 90 21.75 -0.81 41.07
C THR B 90 20.43 -1.03 40.29
N LYS B 91 19.52 -0.05 40.27
CA LYS B 91 18.24 -0.20 39.60
C LYS B 91 18.05 0.93 38.59
N VAL B 92 18.26 0.63 37.31
CA VAL B 92 18.20 1.59 36.18
C VAL B 92 16.97 1.35 35.31
N ASN B 93 16.32 2.44 34.87
CA ASN B 93 15.15 2.34 33.97
C ASN B 93 15.56 1.99 32.53
N LEU B 94 14.98 0.93 31.97
CA LEU B 94 15.25 0.57 30.58
C LEU B 94 14.15 1.22 29.72
N LEU B 95 12.88 1.02 30.12
CA LEU B 95 11.67 1.48 29.43
C LEU B 95 10.69 1.96 30.49
N SER B 96 10.06 3.13 30.23
CA SER B 96 9.09 3.75 31.13
C SER B 96 8.01 4.55 30.36
N ALA B 97 6.76 4.62 30.90
CA ALA B 97 5.66 5.38 30.32
C ALA B 97 4.76 5.91 31.39
N ILE B 98 4.25 7.15 31.21
CA ILE B 98 3.33 7.86 32.10
C ILE B 98 2.08 8.22 31.28
N LYS B 99 0.90 8.04 31.89
CA LYS B 99 -0.39 8.36 31.29
C LYS B 99 -1.33 9.05 32.29
N SER B 100 -2.10 10.04 31.80
CA SER B 100 -3.14 10.76 32.54
C SER B 100 -4.47 10.24 31.96
N PRO B 101 -5.17 9.31 32.64
CA PRO B 101 -6.41 8.78 32.05
C PRO B 101 -7.62 9.71 32.06
N CYS B 102 -7.60 10.75 32.91
CA CYS B 102 -8.72 11.65 33.11
C CYS B 102 -8.54 13.06 32.55
N GLN B 103 -9.66 13.58 32.00
CA GLN B 103 -9.90 14.94 31.46
C GLN B 103 -11.33 15.38 31.90
N ARG B 104 -11.40 16.10 33.05
CA ARG B 104 -12.58 16.65 33.74
C ARG B 104 -13.48 15.53 34.35
N GLU B 105 -14.81 15.56 34.08
CA GLU B 105 -15.91 14.67 34.53
C GLU B 105 -16.26 14.84 36.03
N THR B 106 -17.60 14.90 36.27
CA THR B 106 -18.41 15.02 37.51
C THR B 106 -19.83 15.46 37.10
N ALA B 110 -23.73 14.95 38.05
CA ALA B 110 -23.64 14.06 36.88
C ALA B 110 -22.94 12.73 37.17
N GLU B 111 -23.16 11.72 36.31
CA GLU B 111 -22.65 10.34 36.42
C GLU B 111 -21.19 10.13 35.94
N ALA B 112 -20.49 9.14 36.56
CA ALA B 112 -19.11 8.74 36.25
C ALA B 112 -19.06 7.36 35.57
N LYS B 113 -18.25 7.25 34.50
CA LYS B 113 -18.08 6.02 33.71
C LYS B 113 -16.71 5.36 33.92
N PRO B 114 -16.64 4.01 34.04
CA PRO B 114 -15.33 3.36 34.20
C PRO B 114 -14.46 3.48 32.94
N TRP B 115 -13.17 3.72 33.14
CA TRP B 115 -12.22 3.84 32.03
C TRP B 115 -11.22 2.69 32.03
N TYR B 116 -10.70 2.36 30.84
CA TYR B 116 -9.73 1.31 30.64
C TYR B 116 -8.54 1.85 29.84
N GLU B 117 -7.31 1.65 30.36
CA GLU B 117 -6.09 2.11 29.71
C GLU B 117 -4.95 1.08 29.67
N PRO B 118 -4.63 0.54 28.47
CA PRO B 118 -3.45 -0.35 28.36
C PRO B 118 -2.16 0.45 28.16
N ILE B 119 -1.04 -0.09 28.68
CA ILE B 119 0.31 0.44 28.52
C ILE B 119 1.19 -0.69 28.03
N TYR B 120 1.90 -0.45 26.89
CA TYR B 120 2.85 -1.33 26.22
C TYR B 120 4.28 -0.77 26.33
N LEU B 121 5.26 -1.64 26.59
CA LEU B 121 6.70 -1.30 26.63
C LEU B 121 7.47 -2.41 25.96
N GLY B 122 8.58 -2.06 25.30
CA GLY B 122 9.44 -3.04 24.66
C GLY B 122 10.60 -2.48 23.88
N GLY B 123 11.70 -3.21 23.85
CA GLY B 123 12.92 -2.84 23.12
C GLY B 123 13.98 -3.92 23.12
N VAL B 124 15.10 -3.72 22.36
CA VAL B 124 16.28 -4.60 22.23
C VAL B 124 17.34 -4.06 23.16
N PHE B 125 17.95 -4.95 23.96
CA PHE B 125 18.97 -4.57 24.92
C PHE B 125 20.06 -5.60 25.03
N GLN B 126 21.31 -5.15 25.25
CA GLN B 126 22.48 -5.99 25.52
C GLN B 126 22.46 -6.27 27.03
N LEU B 127 22.35 -7.55 27.40
CA LEU B 127 22.28 -7.92 28.82
C LEU B 127 23.45 -8.81 29.23
N GLU B 128 23.73 -8.90 30.56
CA GLU B 128 24.81 -9.70 31.13
C GLU B 128 24.26 -10.89 31.91
N LYS B 129 25.06 -11.98 32.06
CA LYS B 129 24.66 -13.17 32.83
C LYS B 129 24.37 -12.81 34.29
N GLY B 130 23.25 -13.33 34.78
CA GLY B 130 22.82 -13.13 36.16
C GLY B 130 22.17 -11.80 36.49
N ASP B 131 21.99 -10.91 35.48
CA ASP B 131 21.33 -9.67 35.86
C ASP B 131 19.78 -9.86 35.76
N ARG B 132 19.05 -9.02 36.51
CA ARG B 132 17.62 -9.22 36.75
C ARG B 132 16.73 -8.12 36.25
N LEU B 133 15.55 -8.53 35.79
CA LEU B 133 14.60 -7.56 35.24
C LEU B 133 13.32 -7.51 36.01
N SER B 134 12.87 -6.29 36.35
CA SER B 134 11.60 -6.11 37.04
C SER B 134 10.63 -5.31 36.19
N ALA B 135 9.31 -5.57 36.33
CA ALA B 135 8.28 -4.83 35.60
C ALA B 135 7.26 -4.40 36.61
N GLU B 136 7.25 -3.09 36.90
CA GLU B 136 6.41 -2.51 37.94
C GLU B 136 5.47 -1.39 37.46
N ILE B 137 4.41 -1.12 38.25
CA ILE B 137 3.38 -0.09 38.06
C ILE B 137 3.23 0.71 39.35
N ASN B 138 2.81 1.99 39.26
CA ASN B 138 2.61 2.81 40.45
C ASN B 138 1.23 2.61 41.13
N ARG B 139 0.23 2.17 40.36
CA ARG B 139 -1.14 2.00 40.88
C ARG B 139 -1.60 0.59 40.69
N PRO B 140 -1.06 -0.40 41.46
CA PRO B 140 -1.53 -1.78 41.31
C PRO B 140 -3.00 -1.97 41.72
N ASP B 141 -3.58 -0.94 42.38
CA ASP B 141 -4.99 -0.91 42.82
C ASP B 141 -5.94 -0.77 41.64
N TYR B 142 -5.42 -0.19 40.51
CA TYR B 142 -6.12 -0.02 39.24
C TYR B 142 -5.95 -1.20 38.26
N LEU B 143 -5.02 -2.13 38.51
CA LEU B 143 -4.76 -3.27 37.62
C LEU B 143 -6.02 -4.08 37.35
N ASP B 144 -6.25 -4.43 36.07
CA ASP B 144 -7.42 -5.19 35.65
C ASP B 144 -7.08 -6.27 34.66
N PHE B 145 -7.99 -7.28 34.56
CA PHE B 145 -7.85 -8.48 33.69
C PHE B 145 -8.93 -8.61 32.58
N ALA B 146 -9.58 -7.49 32.21
CA ALA B 146 -10.58 -7.43 31.15
C ALA B 146 -9.94 -7.65 29.75
N GLU B 147 -10.76 -7.77 28.69
CA GLU B 147 -10.31 -8.03 27.32
C GLU B 147 -9.70 -6.81 26.57
N SER B 148 -9.35 -5.69 27.26
CA SER B 148 -8.83 -4.46 26.60
C SER B 148 -7.24 -4.23 26.42
N GLY B 149 -6.33 -5.12 26.86
CA GLY B 149 -6.64 -6.30 27.64
C GLY B 149 -5.71 -7.46 27.87
N GLN B 150 -4.49 -7.25 28.39
CA GLN B 150 -3.63 -8.38 28.83
C GLN B 150 -2.50 -7.93 29.74
N VAL B 151 -2.13 -8.74 30.73
CA VAL B 151 -1.04 -8.30 31.60
C VAL B 151 0.03 -9.43 31.68
N TYR B 152 1.22 -9.10 31.12
CA TYR B 152 2.38 -9.96 30.95
C TYR B 152 3.69 -9.17 30.95
N PHE B 153 4.80 -9.92 31.02
CA PHE B 153 6.20 -9.50 31.02
C PHE B 153 6.98 -10.65 30.39
N GLY B 154 7.85 -10.35 29.42
CA GLY B 154 8.64 -11.36 28.71
C GLY B 154 9.99 -10.95 28.13
N ILE B 155 10.83 -11.95 27.79
CA ILE B 155 12.15 -11.79 27.14
C ILE B 155 12.35 -12.86 26.07
N ILE B 156 12.96 -12.50 24.96
CA ILE B 156 13.25 -13.42 23.86
C ILE B 156 14.70 -13.11 23.50
N ALA B 157 15.60 -14.12 23.58
CA ALA B 157 17.01 -13.95 23.18
C ALA B 157 17.12 -14.01 21.66
N LEU B 158 17.83 -13.03 21.09
CA LEU B 158 18.06 -12.93 19.64
C LEU B 158 19.24 -13.82 19.18
N PRO C 9 26.72 -15.56 19.86
CA PRO C 9 26.62 -14.11 19.59
C PRO C 9 25.93 -13.82 18.26
N SER C 10 24.63 -13.40 18.34
CA SER C 10 23.71 -13.11 17.22
C SER C 10 24.30 -12.23 16.12
N ASP C 11 24.08 -12.66 14.86
CA ASP C 11 24.53 -12.00 13.63
C ASP C 11 23.46 -11.04 13.05
N LYS C 12 22.28 -10.96 13.70
CA LYS C 12 21.14 -10.13 13.26
C LYS C 12 21.33 -8.59 13.40
N PRO C 13 21.09 -7.81 12.32
CA PRO C 13 21.15 -6.34 12.44
C PRO C 13 20.07 -5.85 13.40
N VAL C 14 20.46 -5.08 14.43
CA VAL C 14 19.56 -4.53 15.46
C VAL C 14 19.92 -3.09 15.79
N ALA C 15 18.98 -2.34 16.38
CA ALA C 15 19.16 -0.96 16.80
C ALA C 15 18.17 -0.58 17.87
N HIS C 16 18.60 0.23 18.85
CA HIS C 16 17.80 0.81 19.93
C HIS C 16 18.39 2.19 20.23
N VAL C 17 17.76 3.24 19.70
CA VAL C 17 18.20 4.63 19.86
C VAL C 17 17.29 5.37 20.83
N VAL C 18 17.82 6.36 21.55
CA VAL C 18 17.03 7.12 22.54
C VAL C 18 17.15 8.61 22.27
N ALA C 19 16.19 9.43 22.71
CA ALA C 19 16.28 10.88 22.51
C ALA C 19 17.30 11.52 23.42
N ASN C 20 18.06 12.48 22.86
CA ASN C 20 19.10 13.25 23.53
C ASN C 20 18.48 14.18 24.58
N PRO C 21 18.75 13.97 25.89
CA PRO C 21 18.14 14.88 26.89
C PRO C 21 18.69 16.32 26.86
N GLN C 22 19.80 16.54 26.14
CA GLN C 22 20.46 17.84 25.97
C GLN C 22 19.97 18.62 24.73
N ALA C 23 19.13 18.00 23.89
CA ALA C 23 18.63 18.68 22.69
C ALA C 23 17.24 19.26 22.89
N GLU C 24 17.20 20.44 23.53
CA GLU C 24 16.00 21.23 23.85
C GLU C 24 15.11 21.51 22.61
N GLY C 25 13.82 21.18 22.73
CA GLY C 25 12.83 21.37 21.66
C GLY C 25 13.09 20.63 20.36
N GLN C 26 13.97 19.62 20.41
CA GLN C 26 14.34 18.81 19.26
C GLN C 26 14.22 17.35 19.63
N LEU C 27 13.90 16.49 18.64
CA LEU C 27 13.87 15.05 18.85
C LEU C 27 15.06 14.56 18.05
N GLN C 28 16.20 14.40 18.74
CA GLN C 28 17.48 13.98 18.17
C GLN C 28 17.89 12.66 18.82
N TRP C 29 18.01 11.61 18.02
CA TRP C 29 18.34 10.25 18.49
C TRP C 29 19.82 10.04 18.76
N LEU C 30 20.13 9.25 19.78
CA LEU C 30 21.48 8.94 20.25
C LEU C 30 21.63 7.45 20.42
N ASN C 31 22.83 6.90 20.14
CA ASN C 31 23.10 5.46 20.27
C ASN C 31 24.27 5.12 21.22
N ARG C 32 24.43 3.77 21.46
CA ARG C 32 25.38 2.98 22.30
C ARG C 32 25.80 3.70 23.62
N ARG C 33 24.96 4.69 24.04
CA ARG C 33 25.00 5.59 25.19
C ARG C 33 24.80 4.75 26.45
N ALA C 34 23.69 4.94 27.18
CA ALA C 34 23.41 4.21 28.41
C ALA C 34 23.07 2.78 28.05
N ASN C 35 21.81 2.53 27.66
CA ASN C 35 21.31 1.22 27.26
C ASN C 35 20.76 1.30 25.82
N ALA C 36 21.40 2.17 25.00
CA ALA C 36 21.11 2.37 23.58
C ALA C 36 22.10 1.52 22.80
N LEU C 37 21.86 1.25 21.49
CA LEU C 37 22.76 0.44 20.67
C LEU C 37 22.51 0.46 19.16
N LEU C 38 23.55 0.14 18.39
CA LEU C 38 23.58 -0.06 16.94
C LEU C 38 24.47 -1.27 16.80
N ALA C 39 23.99 -2.31 16.11
CA ALA C 39 24.78 -3.53 15.98
C ALA C 39 24.55 -4.25 14.66
N ASN C 40 25.54 -5.06 14.24
CA ASN C 40 25.57 -5.89 13.05
C ASN C 40 25.22 -5.11 11.76
N GLY C 41 25.77 -3.90 11.66
CA GLY C 41 25.68 -3.07 10.46
C GLY C 41 24.70 -1.93 10.45
N VAL C 42 23.84 -1.81 11.47
CA VAL C 42 22.87 -0.71 11.49
C VAL C 42 23.63 0.57 11.80
N GLU C 43 23.34 1.65 11.03
CA GLU C 43 23.96 2.98 11.16
C GLU C 43 22.94 4.05 11.56
N LEU C 44 23.44 5.19 12.03
CA LEU C 44 22.63 6.34 12.41
C LEU C 44 23.17 7.55 11.62
N ARG C 45 22.43 7.97 10.60
CA ARG C 45 22.78 9.05 9.67
C ARG C 45 21.66 10.05 9.55
N ASP C 46 21.95 11.34 9.82
CA ASP C 46 20.97 12.41 9.71
C ASP C 46 19.64 12.05 10.41
N ASN C 47 19.75 11.60 11.67
CA ASN C 47 18.65 11.22 12.56
C ASN C 47 17.77 10.07 12.07
N GLN C 48 18.33 9.20 11.20
CA GLN C 48 17.57 8.09 10.63
C GLN C 48 18.33 6.81 10.76
N LEU C 49 17.62 5.69 10.83
CA LEU C 49 18.27 4.38 10.93
C LEU C 49 18.48 3.88 9.52
N VAL C 50 19.71 3.45 9.20
CA VAL C 50 20.04 2.96 7.86
C VAL C 50 20.04 1.44 7.93
N VAL C 51 19.18 0.81 7.13
CA VAL C 51 19.04 -0.67 7.08
C VAL C 51 20.26 -1.28 6.34
N PRO C 52 21.00 -2.26 6.96
CA PRO C 52 22.18 -2.84 6.29
C PRO C 52 21.93 -3.99 5.29
N SER C 53 20.79 -4.70 5.41
CA SER C 53 20.46 -5.81 4.51
C SER C 53 18.95 -5.99 4.31
N GLU C 54 18.58 -6.66 3.20
CA GLU C 54 17.22 -6.98 2.78
C GLU C 54 16.57 -7.97 3.74
N GLY C 55 15.27 -7.81 3.97
CA GLY C 55 14.54 -8.75 4.82
C GLY C 55 13.40 -8.19 5.64
N LEU C 56 12.82 -9.06 6.48
CA LEU C 56 11.72 -8.72 7.39
C LEU C 56 12.30 -8.22 8.68
N TYR C 57 11.80 -7.07 9.15
CA TYR C 57 12.25 -6.43 10.39
C TYR C 57 11.07 -6.04 11.27
N LEU C 58 11.26 -6.17 12.59
CA LEU C 58 10.32 -5.66 13.57
C LEU C 58 10.71 -4.20 13.81
N ILE C 59 9.75 -3.27 13.67
CA ILE C 59 10.00 -1.84 13.91
C ILE C 59 9.11 -1.38 15.04
N TYR C 60 9.65 -0.63 16.01
CA TYR C 60 8.93 -0.11 17.17
C TYR C 60 9.44 1.28 17.61
N SER C 61 8.59 2.03 18.30
CA SER C 61 8.95 3.36 18.79
C SER C 61 8.01 3.83 19.92
N GLN C 62 8.56 4.63 20.85
CA GLN C 62 7.79 5.26 21.90
C GLN C 62 8.24 6.69 22.12
N VAL C 63 7.27 7.56 22.30
CA VAL C 63 7.50 8.96 22.64
C VAL C 63 6.54 9.30 23.78
N LEU C 64 6.96 10.27 24.61
CA LEU C 64 6.15 10.77 25.72
C LEU C 64 6.02 12.27 25.61
N PHE C 65 4.78 12.75 25.73
CA PHE C 65 4.42 14.16 25.72
C PHE C 65 3.91 14.58 27.11
N LYS C 66 4.44 15.70 27.63
CA LYS C 66 4.01 16.34 28.90
C LYS C 66 3.64 17.80 28.59
N GLY C 67 2.72 18.33 29.34
CA GLY C 67 2.28 19.71 29.18
C GLY C 67 1.73 20.22 30.48
N GLN C 68 1.88 21.53 30.75
CA GLN C 68 1.30 22.09 31.97
C GLN C 68 0.06 22.86 31.59
N GLY C 69 -1.09 22.28 31.91
CA GLY C 69 -2.39 22.85 31.61
C GLY C 69 -2.73 22.89 30.13
N CYS C 70 -4.01 23.15 29.84
CA CYS C 70 -4.55 23.18 28.50
C CYS C 70 -4.81 24.58 27.95
N PRO C 71 -4.19 24.95 26.79
CA PRO C 71 -4.34 26.32 26.28
C PRO C 71 -5.38 26.51 25.16
N SER C 72 -5.33 27.68 24.48
CA SER C 72 -6.18 28.06 23.33
C SER C 72 -5.98 27.10 22.14
N THR C 73 -7.07 26.85 21.38
CA THR C 73 -7.23 25.93 20.23
C THR C 73 -6.95 24.47 20.68
N HIS C 74 -7.37 23.49 19.84
CA HIS C 74 -7.19 22.08 20.18
C HIS C 74 -5.79 21.55 19.87
N VAL C 75 -5.15 20.98 20.91
CA VAL C 75 -3.81 20.40 20.85
C VAL C 75 -3.90 19.01 20.24
N LEU C 76 -3.14 18.80 19.16
CA LEU C 76 -3.03 17.51 18.49
C LEU C 76 -1.60 17.05 18.51
N LEU C 77 -1.38 15.82 18.99
CA LEU C 77 -0.06 15.21 19.10
C LEU C 77 0.03 14.04 18.12
N THR C 78 1.08 14.03 17.28
CA THR C 78 1.28 12.96 16.30
C THR C 78 2.66 12.37 16.43
N HIS C 79 2.80 11.09 16.04
CA HIS C 79 4.05 10.35 16.03
C HIS C 79 3.99 9.44 14.82
N THR C 80 5.03 9.50 13.95
CA THR C 80 5.11 8.78 12.68
C THR C 80 6.51 8.19 12.40
N ILE C 81 6.53 6.89 11.96
CA ILE C 81 7.69 6.15 11.50
C ILE C 81 7.49 6.04 9.97
N SER C 82 8.49 6.52 9.20
CA SER C 82 8.50 6.58 7.73
C SER C 82 9.59 5.71 7.12
N ARG C 83 9.41 5.34 5.84
CA ARG C 83 10.37 4.58 5.05
C ARG C 83 10.78 5.43 3.87
N ILE C 84 12.08 5.65 3.72
CA ILE C 84 12.56 6.39 2.57
C ILE C 84 13.37 5.37 1.76
N ALA C 85 12.78 4.96 0.61
CA ALA C 85 13.28 3.96 -0.34
C ALA C 85 14.61 4.39 -0.92
N VAL C 86 15.55 3.46 -1.02
CA VAL C 86 16.95 3.70 -1.42
C VAL C 86 17.08 4.22 -2.87
N SER C 87 16.29 3.66 -3.80
CA SER C 87 16.30 3.95 -5.24
C SER C 87 15.77 5.35 -5.61
N TYR C 88 14.49 5.65 -5.26
CA TYR C 88 13.86 6.93 -5.62
C TYR C 88 13.73 7.95 -4.48
N GLN C 89 14.21 7.65 -3.25
CA GLN C 89 14.17 8.58 -2.11
C GLN C 89 12.74 9.06 -1.80
N THR C 90 11.75 8.20 -2.07
CA THR C 90 10.34 8.46 -1.81
C THR C 90 10.06 8.20 -0.32
N LYS C 91 9.25 9.06 0.35
CA LYS C 91 8.92 8.96 1.79
C LYS C 91 7.45 8.56 2.06
N VAL C 92 7.26 7.32 2.49
CA VAL C 92 5.98 6.70 2.78
C VAL C 92 5.86 6.38 4.29
N ASN C 93 4.66 6.57 4.86
CA ASN C 93 4.35 6.25 6.26
C ASN C 93 4.19 4.76 6.43
N LEU C 94 4.83 4.21 7.46
CA LEU C 94 4.68 2.80 7.79
C LEU C 94 3.66 2.67 8.96
N LEU C 95 3.81 3.53 10.01
CA LEU C 95 3.04 3.57 11.24
C LEU C 95 2.83 5.01 11.65
N SER C 96 1.62 5.32 12.11
CA SER C 96 1.24 6.67 12.56
C SER C 96 0.11 6.65 13.63
N ALA C 97 0.07 7.67 14.50
CA ALA C 97 -0.95 7.82 15.54
C ALA C 97 -1.21 9.29 15.85
N ILE C 98 -2.45 9.62 16.24
CA ILE C 98 -2.92 10.95 16.61
C ILE C 98 -3.63 10.89 17.95
N LYS C 99 -3.25 11.80 18.85
CA LYS C 99 -3.80 11.93 20.20
C LYS C 99 -4.19 13.38 20.50
N SER C 100 -5.31 13.58 21.21
CA SER C 100 -5.78 14.89 21.67
C SER C 100 -5.72 14.91 23.22
N PRO C 101 -4.69 15.53 23.82
CA PRO C 101 -4.58 15.49 25.29
C PRO C 101 -5.56 16.41 26.05
N CYS C 102 -6.11 17.43 25.37
CA CYS C 102 -6.98 18.42 25.99
C CYS C 102 -8.41 18.34 25.57
N GLN C 103 -9.32 18.44 26.55
CA GLN C 103 -10.77 18.41 26.36
C GLN C 103 -11.41 19.65 27.07
N ARG C 104 -10.96 20.88 26.68
CA ARG C 104 -11.36 22.19 27.22
C ARG C 104 -11.05 22.36 28.71
N GLU C 111 -3.81 26.19 39.70
CA GLU C 111 -4.06 26.57 38.31
C GLU C 111 -3.31 25.61 37.35
N ALA C 112 -1.98 25.46 37.53
CA ALA C 112 -1.10 24.59 36.70
C ALA C 112 -1.50 23.13 36.86
N LYS C 113 -1.83 22.47 35.73
CA LYS C 113 -2.29 21.08 35.71
C LYS C 113 -1.52 20.22 34.69
N PRO C 114 -0.39 19.56 35.09
CA PRO C 114 0.39 18.74 34.13
C PRO C 114 -0.30 17.47 33.62
N TRP C 115 -0.26 17.27 32.29
CA TRP C 115 -0.82 16.09 31.64
C TRP C 115 0.29 15.28 30.98
N TYR C 116 0.05 13.96 30.76
CA TYR C 116 0.97 13.02 30.13
C TYR C 116 0.31 12.15 29.04
N GLU C 117 0.94 12.09 27.86
CA GLU C 117 0.42 11.28 26.77
C GLU C 117 1.50 10.46 26.09
N PRO C 118 1.51 9.13 26.31
CA PRO C 118 2.48 8.29 25.59
C PRO C 118 1.93 7.77 24.25
N ILE C 119 2.80 7.62 23.25
CA ILE C 119 2.45 7.04 21.95
C ILE C 119 3.45 5.89 21.65
N TYR C 120 2.94 4.65 21.51
CA TYR C 120 3.73 3.47 21.15
C TYR C 120 3.26 2.95 19.78
N LEU C 121 4.18 2.77 18.85
CA LEU C 121 3.95 2.22 17.51
C LEU C 121 4.80 0.94 17.31
N GLY C 122 4.26 -0.06 16.61
CA GLY C 122 4.98 -1.30 16.32
C GLY C 122 4.42 -2.10 15.16
N GLY C 123 5.28 -2.87 14.45
CA GLY C 123 4.89 -3.75 13.34
C GLY C 123 6.00 -4.60 12.75
N VAL C 124 5.70 -5.36 11.68
CA VAL C 124 6.67 -6.17 10.90
C VAL C 124 6.64 -5.59 9.49
N PHE C 125 7.84 -5.32 8.92
CA PHE C 125 7.97 -4.70 7.59
C PHE C 125 9.08 -5.33 6.75
N GLN C 126 8.85 -5.41 5.43
CA GLN C 126 9.86 -5.88 4.48
C GLN C 126 10.70 -4.63 4.13
N LEU C 127 12.02 -4.67 4.42
CA LEU C 127 12.91 -3.55 4.10
C LEU C 127 14.01 -3.98 3.10
N GLU C 128 14.59 -2.99 2.41
CA GLU C 128 15.68 -3.21 1.48
C GLU C 128 17.03 -2.63 2.02
N LYS C 129 18.18 -3.13 1.54
CA LYS C 129 19.47 -2.57 1.94
C LYS C 129 19.56 -1.13 1.39
N GLY C 130 19.86 -0.18 2.28
CA GLY C 130 20.00 1.23 1.90
C GLY C 130 18.85 2.11 2.31
N ASP C 131 17.74 1.45 2.72
CA ASP C 131 16.54 2.11 3.20
C ASP C 131 16.83 2.89 4.49
N ARG C 132 16.11 3.98 4.68
CA ARG C 132 16.27 4.84 5.83
C ARG C 132 14.94 4.90 6.55
N LEU C 133 14.99 4.89 7.89
CA LEU C 133 13.80 4.97 8.71
C LEU C 133 13.90 6.17 9.63
N SER C 134 12.85 6.98 9.67
CA SER C 134 12.74 8.13 10.57
C SER C 134 11.65 7.80 11.59
N ALA C 135 11.62 8.55 12.70
CA ALA C 135 10.63 8.46 13.75
C ALA C 135 10.49 9.90 14.24
N GLU C 136 9.41 10.56 13.78
CA GLU C 136 9.16 12.00 13.97
C GLU C 136 7.88 12.32 14.70
N ILE C 137 7.83 13.52 15.33
CA ILE C 137 6.70 14.08 16.10
C ILE C 137 6.37 15.49 15.61
N ASN C 138 5.13 15.94 15.80
CA ASN C 138 4.74 17.28 15.36
C ASN C 138 5.03 18.36 16.40
N ARG C 139 5.04 17.96 17.68
CA ARG C 139 5.22 18.94 18.73
C ARG C 139 6.40 18.60 19.65
N PRO C 140 7.66 18.90 19.20
CA PRO C 140 8.84 18.63 20.04
C PRO C 140 8.97 19.50 21.30
N ASP C 141 8.14 20.57 21.38
CA ASP C 141 8.10 21.44 22.56
C ASP C 141 7.42 20.74 23.76
N TYR C 142 6.64 19.67 23.47
CA TYR C 142 5.94 18.86 24.46
C TYR C 142 6.66 17.56 24.81
N LEU C 143 7.76 17.24 24.12
CA LEU C 143 8.51 16.01 24.38
C LEU C 143 9.10 15.94 25.79
N ASP C 144 8.95 14.78 26.48
CA ASP C 144 9.43 14.56 27.84
C ASP C 144 10.49 13.49 27.94
N PHE C 145 11.76 13.89 28.11
CA PHE C 145 12.87 12.97 28.30
C PHE C 145 13.59 13.23 29.63
N ALA C 146 12.84 13.75 30.64
CA ALA C 146 13.33 14.04 32.00
C ALA C 146 13.92 12.78 32.68
N GLU C 147 13.28 11.62 32.51
CA GLU C 147 13.78 10.36 33.01
C GLU C 147 14.38 9.54 31.84
N SER C 148 14.73 8.26 32.05
CA SER C 148 15.48 7.50 31.07
C SER C 148 14.71 6.76 29.95
N GLY C 149 13.93 5.74 30.25
CA GLY C 149 13.30 4.96 29.17
C GLY C 149 12.01 5.52 28.58
N GLN C 150 11.88 6.86 28.56
CA GLN C 150 10.67 7.56 28.15
C GLN C 150 10.51 7.73 26.65
N VAL C 151 11.60 7.95 25.91
CA VAL C 151 11.48 8.10 24.45
C VAL C 151 12.60 7.30 23.77
N TYR C 152 12.21 6.37 22.87
CA TYR C 152 13.08 5.44 22.12
C TYR C 152 12.53 5.05 20.74
N PHE C 153 13.43 4.47 19.90
CA PHE C 153 13.17 4.04 18.53
C PHE C 153 14.09 2.84 18.23
N GLY C 154 13.58 1.79 17.61
CA GLY C 154 14.43 0.64 17.30
C GLY C 154 13.94 -0.34 16.27
N ILE C 155 14.84 -1.23 15.83
CA ILE C 155 14.58 -2.28 14.84
C ILE C 155 15.26 -3.59 15.24
N ILE C 156 14.68 -4.73 14.82
CA ILE C 156 15.26 -6.05 15.06
C ILE C 156 14.93 -6.88 13.82
N ALA C 157 15.94 -7.48 13.21
CA ALA C 157 15.78 -8.29 12.01
C ALA C 157 15.23 -9.66 12.34
N LEU C 158 14.29 -10.15 11.53
CA LEU C 158 13.76 -11.50 11.73
C LEU C 158 14.71 -12.52 11.16
N PRO D 9 19.00 -11.40 -31.47
CA PRO D 9 17.74 -10.71 -31.17
C PRO D 9 16.57 -11.67 -30.97
N SER D 10 15.72 -11.57 -29.89
CA SER D 10 15.74 -10.69 -28.70
C SER D 10 15.53 -11.55 -27.45
N ASP D 11 16.24 -11.23 -26.35
CA ASP D 11 16.17 -12.05 -25.13
C ASP D 11 15.23 -11.51 -23.99
N LYS D 12 14.39 -10.49 -24.29
CA LYS D 12 13.47 -9.83 -23.36
C LYS D 12 12.35 -10.73 -22.78
N PRO D 13 12.30 -11.05 -21.45
CA PRO D 13 11.17 -11.86 -20.93
C PRO D 13 9.83 -11.14 -21.12
N VAL D 14 8.92 -11.77 -21.87
CA VAL D 14 7.56 -11.26 -22.14
C VAL D 14 6.51 -12.37 -21.97
N ALA D 15 5.23 -11.97 -21.80
CA ALA D 15 4.06 -12.85 -21.67
C ALA D 15 2.80 -12.09 -21.89
N HIS D 16 1.85 -12.71 -22.59
CA HIS D 16 0.50 -12.18 -22.81
C HIS D 16 -0.39 -13.40 -22.78
N VAL D 17 -1.15 -13.58 -21.67
CA VAL D 17 -2.04 -14.73 -21.51
C VAL D 17 -3.51 -14.29 -21.52
N VAL D 18 -4.38 -15.20 -21.97
CA VAL D 18 -5.81 -14.91 -22.08
C VAL D 18 -6.64 -15.94 -21.25
N ALA D 19 -7.93 -15.69 -21.01
CA ALA D 19 -8.75 -16.64 -20.22
C ALA D 19 -9.07 -17.92 -21.00
N ASN D 20 -8.96 -19.08 -20.35
CA ASN D 20 -9.25 -20.39 -20.94
C ASN D 20 -10.78 -20.60 -21.00
N PRO D 21 -11.38 -20.65 -22.23
CA PRO D 21 -12.84 -20.88 -22.33
C PRO D 21 -13.33 -22.22 -21.78
N GLN D 22 -12.43 -23.21 -21.65
CA GLN D 22 -12.78 -24.54 -21.19
C GLN D 22 -12.92 -24.64 -19.68
N ALA D 23 -12.54 -23.57 -18.97
CA ALA D 23 -12.63 -23.49 -17.51
C ALA D 23 -13.62 -22.40 -17.12
N GLU D 24 -14.79 -22.36 -17.80
CA GLU D 24 -15.87 -21.40 -17.49
C GLU D 24 -16.33 -21.62 -16.02
N GLY D 25 -16.57 -20.49 -15.32
CA GLY D 25 -16.91 -20.47 -13.91
C GLY D 25 -15.69 -20.17 -13.05
N GLN D 26 -14.59 -19.79 -13.71
CA GLN D 26 -13.31 -19.43 -13.13
C GLN D 26 -12.58 -18.56 -14.14
N LEU D 27 -11.47 -17.95 -13.70
CA LEU D 27 -10.57 -17.19 -14.53
C LEU D 27 -9.25 -17.94 -14.47
N GLN D 28 -9.07 -18.81 -15.48
CA GLN D 28 -7.90 -19.66 -15.64
C GLN D 28 -7.16 -19.14 -16.87
N TRP D 29 -5.89 -18.74 -16.69
CA TRP D 29 -5.06 -18.15 -17.74
C TRP D 29 -4.43 -19.22 -18.61
N LEU D 30 -4.29 -18.94 -19.93
CA LEU D 30 -3.73 -19.87 -20.91
C LEU D 30 -3.06 -19.16 -22.09
N ASN D 31 -1.90 -19.70 -22.49
CA ASN D 31 -1.13 -19.21 -23.61
C ASN D 31 -1.63 -19.81 -24.93
N ARG D 32 -2.93 -19.60 -25.22
CA ARG D 32 -3.65 -20.02 -26.43
C ARG D 32 -2.83 -19.66 -27.68
N ARG D 33 -2.80 -20.57 -28.68
CA ARG D 33 -2.04 -20.46 -29.94
C ARG D 33 -2.29 -19.18 -30.69
N ALA D 34 -3.57 -18.69 -30.66
CA ALA D 34 -4.09 -17.53 -31.40
C ALA D 34 -3.49 -16.11 -31.08
N ASN D 35 -3.60 -15.63 -29.83
CA ASN D 35 -3.18 -14.26 -29.50
C ASN D 35 -2.48 -14.19 -28.16
N ALA D 36 -1.98 -15.34 -27.69
CA ALA D 36 -1.31 -15.44 -26.42
C ALA D 36 0.05 -16.12 -26.59
N LEU D 37 0.96 -15.91 -25.64
CA LEU D 37 2.31 -16.47 -25.67
C LEU D 37 3.00 -16.34 -24.35
N LEU D 38 4.11 -17.06 -24.24
CA LEU D 38 5.09 -17.05 -23.15
C LEU D 38 6.40 -17.00 -23.86
N ALA D 39 7.32 -16.12 -23.49
CA ALA D 39 8.61 -16.07 -24.17
C ALA D 39 9.78 -15.69 -23.24
N ASN D 40 10.99 -16.10 -23.63
CA ASN D 40 12.26 -15.79 -22.99
C ASN D 40 12.32 -16.07 -21.49
N GLY D 41 11.83 -17.24 -21.11
CA GLY D 41 11.88 -17.75 -19.74
C GLY D 41 10.65 -17.65 -18.88
N VAL D 42 9.62 -16.87 -19.33
CA VAL D 42 8.38 -16.66 -18.58
C VAL D 42 7.60 -17.94 -18.59
N GLU D 43 7.19 -18.39 -17.40
CA GLU D 43 6.47 -19.63 -17.20
C GLU D 43 5.09 -19.41 -16.66
N LEU D 44 4.15 -20.37 -16.91
CA LEU D 44 2.77 -20.40 -16.41
C LEU D 44 2.73 -21.59 -15.47
N ARG D 45 2.67 -21.33 -14.20
CA ARG D 45 2.63 -22.39 -13.22
C ARG D 45 1.58 -22.08 -12.17
N ASP D 46 0.57 -22.98 -12.07
CA ASP D 46 -0.54 -22.92 -11.10
C ASP D 46 -1.34 -21.64 -11.22
N ASN D 47 -1.67 -21.24 -12.48
CA ASN D 47 -2.42 -20.02 -12.83
C ASN D 47 -1.61 -18.74 -12.51
N GLN D 48 -0.30 -18.90 -12.42
CA GLN D 48 0.60 -17.79 -12.10
C GLN D 48 1.69 -17.64 -13.12
N LEU D 49 2.09 -16.40 -13.38
CA LEU D 49 3.20 -16.06 -14.27
C LEU D 49 4.49 -16.03 -13.41
N VAL D 50 5.49 -16.86 -13.78
CA VAL D 50 6.79 -16.95 -13.09
C VAL D 50 7.89 -16.13 -13.81
N VAL D 51 8.47 -15.16 -13.08
CA VAL D 51 9.51 -14.22 -13.52
C VAL D 51 10.90 -14.94 -13.63
N PRO D 52 11.56 -14.93 -14.82
CA PRO D 52 12.84 -15.67 -14.95
C PRO D 52 14.09 -14.95 -14.43
N SER D 53 14.05 -13.61 -14.33
CA SER D 53 15.20 -12.82 -13.89
C SER D 53 14.81 -11.54 -13.19
N GLU D 54 15.73 -11.01 -12.34
CA GLU D 54 15.60 -9.76 -11.58
C GLU D 54 15.49 -8.53 -12.50
N GLY D 55 14.67 -7.55 -12.10
CA GLY D 55 14.53 -6.30 -12.83
C GLY D 55 13.19 -5.65 -12.77
N LEU D 56 13.03 -4.53 -13.50
CA LEU D 56 11.75 -3.80 -13.59
C LEU D 56 10.92 -4.42 -14.66
N TYR D 57 9.61 -4.57 -14.39
CA TYR D 57 8.69 -5.16 -15.35
C TYR D 57 7.43 -4.36 -15.40
N LEU D 58 6.78 -4.31 -16.58
CA LEU D 58 5.45 -3.70 -16.71
C LEU D 58 4.49 -4.89 -16.51
N ILE D 59 3.56 -4.78 -15.57
CA ILE D 59 2.54 -5.79 -15.32
C ILE D 59 1.23 -5.10 -15.70
N TYR D 60 0.37 -5.76 -16.52
CA TYR D 60 -0.90 -5.18 -16.99
C TYR D 60 -1.94 -6.26 -17.17
N SER D 61 -3.22 -5.85 -17.11
CA SER D 61 -4.38 -6.73 -17.22
C SER D 61 -5.62 -5.93 -17.52
N GLN D 62 -6.54 -6.56 -18.25
CA GLN D 62 -7.88 -6.05 -18.52
C GLN D 62 -8.87 -7.21 -18.48
N VAL D 63 -10.04 -7.01 -17.84
CA VAL D 63 -11.15 -7.98 -17.73
C VAL D 63 -12.46 -7.23 -17.95
N LEU D 64 -13.40 -7.83 -18.68
CA LEU D 64 -14.69 -7.22 -18.97
C LEU D 64 -15.76 -8.01 -18.29
N PHE D 65 -16.49 -7.38 -17.37
CA PHE D 65 -17.62 -8.03 -16.73
C PHE D 65 -18.90 -7.61 -17.48
N LYS D 66 -19.80 -8.59 -17.76
CA LYS D 66 -21.09 -8.45 -18.45
C LYS D 66 -22.21 -9.02 -17.60
N GLY D 67 -23.38 -8.41 -17.71
CA GLY D 67 -24.58 -8.83 -17.01
C GLY D 67 -25.84 -8.37 -17.72
N GLN D 68 -26.95 -9.10 -17.52
CA GLN D 68 -28.23 -8.72 -18.09
C GLN D 68 -29.14 -8.31 -16.94
N GLY D 69 -29.28 -7.00 -16.77
CA GLY D 69 -30.09 -6.42 -15.71
C GLY D 69 -29.42 -6.38 -14.35
N CYS D 70 -30.00 -5.57 -13.45
CA CYS D 70 -29.55 -5.34 -12.08
C CYS D 70 -30.48 -5.98 -11.05
N PRO D 71 -29.97 -6.88 -10.19
CA PRO D 71 -30.85 -7.53 -9.21
C PRO D 71 -31.24 -6.62 -8.04
N SER D 72 -30.41 -6.58 -6.98
CA SER D 72 -30.66 -5.80 -5.77
C SER D 72 -29.57 -4.73 -5.50
N THR D 73 -28.91 -4.21 -6.58
CA THR D 73 -27.86 -3.16 -6.60
C THR D 73 -26.54 -3.59 -5.89
N HIS D 74 -26.65 -4.60 -4.99
CA HIS D 74 -25.64 -5.25 -4.14
C HIS D 74 -24.29 -5.56 -4.79
N VAL D 75 -24.32 -5.87 -6.10
CA VAL D 75 -23.23 -6.29 -7.00
C VAL D 75 -21.92 -5.50 -6.83
N LEU D 76 -20.83 -6.24 -6.51
CA LEU D 76 -19.47 -5.70 -6.36
C LEU D 76 -18.49 -6.53 -7.16
N LEU D 77 -17.75 -5.86 -8.02
CA LEU D 77 -16.77 -6.50 -8.89
C LEU D 77 -15.37 -6.06 -8.45
N THR D 78 -14.46 -7.02 -8.26
CA THR D 78 -13.07 -6.74 -7.89
C THR D 78 -12.12 -7.45 -8.81
N HIS D 79 -10.93 -6.88 -9.02
CA HIS D 79 -9.85 -7.44 -9.81
C HIS D 79 -8.56 -7.12 -9.11
N THR D 80 -7.72 -8.13 -8.87
CA THR D 80 -6.47 -7.97 -8.10
C THR D 80 -5.24 -8.65 -8.74
N ILE D 81 -4.09 -7.96 -8.72
CA ILE D 81 -2.79 -8.47 -9.14
C ILE D 81 -1.88 -8.56 -7.91
N SER D 82 -1.43 -9.77 -7.53
CA SER D 82 -0.60 -9.98 -6.36
C SER D 82 0.74 -10.59 -6.70
N ARG D 83 1.76 -10.41 -5.85
CA ARG D 83 3.11 -10.98 -6.03
C ARG D 83 3.46 -11.88 -4.85
N ILE D 84 3.97 -13.08 -5.13
CA ILE D 84 4.48 -13.98 -4.08
C ILE D 84 5.98 -14.23 -4.36
N ALA D 85 6.84 -13.61 -3.52
CA ALA D 85 8.32 -13.66 -3.54
C ALA D 85 8.84 -14.97 -2.91
N VAL D 86 9.90 -15.56 -3.48
CA VAL D 86 10.43 -16.86 -3.02
C VAL D 86 11.19 -16.68 -1.67
N SER D 87 11.69 -15.46 -1.38
CA SER D 87 12.34 -15.16 -0.09
C SER D 87 11.25 -14.78 0.94
N TYR D 88 11.31 -15.42 2.12
CA TYR D 88 10.36 -15.28 3.24
C TYR D 88 8.96 -15.72 2.86
N GLN D 89 8.77 -16.08 1.58
CA GLN D 89 7.50 -16.51 1.00
C GLN D 89 6.41 -15.43 1.15
N THR D 90 6.80 -14.12 1.05
CA THR D 90 5.92 -12.95 1.22
C THR D 90 4.92 -12.72 0.09
N LYS D 91 3.63 -12.47 0.44
CA LYS D 91 2.54 -12.14 -0.49
C LYS D 91 2.10 -10.67 -0.25
N VAL D 92 2.07 -9.90 -1.35
CA VAL D 92 1.78 -8.49 -1.37
C VAL D 92 0.87 -8.14 -2.57
N ASN D 93 -0.08 -7.20 -2.37
CA ASN D 93 -0.99 -6.71 -3.41
C ASN D 93 -0.27 -5.61 -4.18
N LEU D 94 -0.12 -5.81 -5.53
CA LEU D 94 0.52 -4.82 -6.40
C LEU D 94 -0.50 -3.86 -7.00
N LEU D 95 -1.65 -4.38 -7.47
CA LEU D 95 -2.72 -3.59 -8.11
C LEU D 95 -4.03 -4.18 -7.76
N SER D 96 -5.07 -3.36 -7.55
CA SER D 96 -6.43 -3.81 -7.17
C SER D 96 -7.44 -2.69 -7.43
N ALA D 97 -8.69 -3.06 -7.74
CA ALA D 97 -9.78 -2.10 -7.99
C ALA D 97 -11.18 -2.69 -7.66
N ILE D 98 -12.14 -1.81 -7.35
CA ILE D 98 -13.53 -2.18 -7.04
C ILE D 98 -14.47 -1.40 -7.94
N LYS D 99 -15.50 -2.06 -8.47
CA LYS D 99 -16.50 -1.43 -9.32
C LYS D 99 -17.89 -1.97 -8.92
N SER D 100 -18.90 -1.10 -8.86
CA SER D 100 -20.29 -1.50 -8.55
C SER D 100 -21.14 -1.16 -9.80
N PRO D 101 -21.49 -2.16 -10.63
CA PRO D 101 -22.16 -1.85 -11.91
C PRO D 101 -23.63 -1.40 -11.82
N CYS D 102 -24.27 -1.65 -10.68
CA CYS D 102 -25.67 -1.35 -10.46
C CYS D 102 -25.93 -0.18 -9.53
N GLN D 103 -26.67 0.84 -10.03
CA GLN D 103 -27.04 2.06 -9.31
C GLN D 103 -28.53 2.40 -9.52
N LYS D 113 -31.96 -5.20 -19.35
CA LYS D 113 -30.99 -4.09 -19.48
C LYS D 113 -29.50 -4.57 -19.32
N PRO D 114 -28.81 -4.92 -20.43
CA PRO D 114 -27.42 -5.41 -20.30
C PRO D 114 -26.39 -4.35 -19.96
N TRP D 115 -25.46 -4.68 -19.04
CA TRP D 115 -24.39 -3.78 -18.62
C TRP D 115 -22.97 -4.33 -18.92
N TYR D 116 -22.02 -3.40 -19.10
CA TYR D 116 -20.61 -3.69 -19.41
C TYR D 116 -19.74 -2.90 -18.45
N GLU D 117 -18.96 -3.62 -17.63
CA GLU D 117 -18.12 -2.99 -16.60
C GLU D 117 -16.66 -3.50 -16.58
N PRO D 118 -15.73 -2.88 -17.35
CA PRO D 118 -14.33 -3.33 -17.28
C PRO D 118 -13.53 -2.76 -16.11
N ILE D 119 -12.47 -3.51 -15.72
CA ILE D 119 -11.41 -3.15 -14.77
C ILE D 119 -10.07 -3.36 -15.49
N TYR D 120 -9.27 -2.31 -15.59
CA TYR D 120 -7.96 -2.35 -16.26
C TYR D 120 -6.94 -1.93 -15.23
N LEU D 121 -5.85 -2.68 -15.10
CA LEU D 121 -4.78 -2.45 -14.11
C LEU D 121 -3.42 -2.53 -14.77
N GLY D 122 -2.47 -1.79 -14.26
CA GLY D 122 -1.13 -1.81 -14.81
C GLY D 122 -0.17 -0.98 -14.04
N GLY D 123 1.10 -1.38 -14.02
CA GLY D 123 2.15 -0.62 -13.33
C GLY D 123 3.53 -1.20 -13.56
N VAL D 124 4.56 -0.44 -13.21
CA VAL D 124 5.96 -0.88 -13.35
C VAL D 124 6.43 -1.25 -11.93
N PHE D 125 7.00 -2.46 -11.77
CA PHE D 125 7.41 -3.03 -10.49
C PHE D 125 8.76 -3.73 -10.52
N GLN D 126 9.53 -3.67 -9.40
CA GLN D 126 10.83 -4.36 -9.25
C GLN D 126 10.52 -5.78 -8.84
N LEU D 127 10.84 -6.72 -9.71
CA LEU D 127 10.62 -8.14 -9.45
C LEU D 127 11.93 -8.91 -9.28
N GLU D 128 11.88 -10.02 -8.55
CA GLU D 128 13.05 -10.84 -8.34
C GLU D 128 12.91 -12.16 -9.13
N LYS D 129 14.03 -12.89 -9.31
CA LYS D 129 14.00 -14.18 -10.01
C LYS D 129 13.19 -15.21 -9.20
N GLY D 130 12.14 -15.71 -9.82
CA GLY D 130 11.32 -16.74 -9.20
C GLY D 130 9.99 -16.24 -8.67
N ASP D 131 9.75 -14.92 -8.76
CA ASP D 131 8.49 -14.34 -8.31
C ASP D 131 7.34 -14.86 -9.13
N ARG D 132 6.25 -15.23 -8.45
CA ARG D 132 5.02 -15.67 -9.07
C ARG D 132 4.02 -14.52 -8.94
N LEU D 133 3.27 -14.22 -10.01
CA LEU D 133 2.27 -13.15 -10.05
C LEU D 133 0.95 -13.73 -10.39
N SER D 134 -0.12 -13.34 -9.67
CA SER D 134 -1.49 -13.80 -9.97
C SER D 134 -2.42 -12.62 -10.34
N ALA D 135 -3.47 -12.88 -11.14
CA ALA D 135 -4.51 -11.90 -11.51
C ALA D 135 -5.88 -12.57 -11.27
N GLU D 136 -6.57 -12.16 -10.19
CA GLU D 136 -7.81 -12.76 -9.72
C GLU D 136 -9.02 -11.83 -9.68
N ILE D 137 -10.23 -12.39 -9.87
CA ILE D 137 -11.51 -11.67 -9.84
C ILE D 137 -12.46 -12.39 -8.89
N ASN D 138 -13.41 -11.65 -8.29
CA ASN D 138 -14.37 -12.22 -7.33
C ASN D 138 -15.61 -12.81 -8.02
N ARG D 139 -15.95 -12.33 -9.22
CA ARG D 139 -17.16 -12.81 -9.88
C ARG D 139 -16.90 -13.33 -11.29
N PRO D 140 -16.47 -14.65 -11.40
CA PRO D 140 -16.27 -15.27 -12.74
C PRO D 140 -17.56 -15.49 -13.49
N ASP D 141 -18.69 -15.54 -12.75
CA ASP D 141 -20.04 -15.68 -13.28
C ASP D 141 -20.33 -14.57 -14.29
N TYR D 142 -19.75 -13.37 -14.05
CA TYR D 142 -19.95 -12.19 -14.89
C TYR D 142 -18.93 -12.05 -16.06
N LEU D 143 -18.00 -12.99 -16.22
CA LEU D 143 -17.06 -12.95 -17.34
C LEU D 143 -17.75 -13.39 -18.63
N ASP D 144 -17.36 -12.76 -19.75
CA ASP D 144 -17.87 -13.17 -21.06
C ASP D 144 -16.73 -13.82 -21.84
N PHE D 145 -16.96 -15.05 -22.33
CA PHE D 145 -15.96 -15.81 -23.08
C PHE D 145 -16.29 -15.79 -24.57
N ALA D 146 -17.30 -14.97 -24.96
CA ALA D 146 -17.83 -14.90 -26.32
C ALA D 146 -17.14 -13.87 -27.25
N GLU D 147 -15.84 -13.56 -27.01
CA GLU D 147 -15.02 -12.67 -27.83
C GLU D 147 -13.56 -12.78 -27.46
N SER D 148 -12.67 -12.44 -28.40
CA SER D 148 -11.22 -12.50 -28.21
C SER D 148 -10.67 -11.16 -27.77
N GLY D 149 -9.55 -11.21 -27.04
CA GLY D 149 -8.81 -10.06 -26.55
C GLY D 149 -9.57 -9.10 -25.67
N GLN D 150 -10.52 -9.59 -24.89
CA GLN D 150 -11.28 -8.71 -24.03
C GLN D 150 -10.85 -8.86 -22.58
N VAL D 151 -10.33 -10.05 -22.24
CA VAL D 151 -9.78 -10.40 -20.93
C VAL D 151 -8.41 -11.03 -21.17
N TYR D 152 -7.36 -10.40 -20.61
CA TYR D 152 -5.94 -10.76 -20.74
C TYR D 152 -5.11 -10.31 -19.55
N PHE D 153 -3.88 -10.85 -19.44
CA PHE D 153 -2.89 -10.62 -18.38
C PHE D 153 -1.48 -10.76 -18.96
N GLY D 154 -0.63 -9.78 -18.73
CA GLY D 154 0.71 -9.85 -19.28
C GLY D 154 1.82 -9.16 -18.52
N ILE D 155 3.07 -9.47 -18.89
CA ILE D 155 4.28 -8.85 -18.35
C ILE D 155 5.26 -8.54 -19.49
N ILE D 156 5.99 -7.42 -19.36
CA ILE D 156 7.02 -6.96 -20.33
C ILE D 156 8.20 -6.39 -19.53
N ALA D 157 9.34 -7.08 -19.59
CA ALA D 157 10.54 -6.61 -18.91
C ALA D 157 11.04 -5.26 -19.50
N LEU D 158 11.54 -4.36 -18.65
CA LEU D 158 12.09 -3.08 -19.11
C LEU D 158 13.58 -3.24 -19.54
N LYS E 12 21.93 1.78 -24.58
CA LYS E 12 20.74 2.56 -24.90
C LYS E 12 20.21 3.29 -23.66
N PRO E 13 20.08 4.65 -23.71
CA PRO E 13 19.62 5.38 -22.52
C PRO E 13 18.14 5.20 -22.24
N VAL E 14 17.82 5.14 -20.94
CA VAL E 14 16.46 4.95 -20.41
C VAL E 14 16.25 5.83 -19.18
N ALA E 15 14.96 6.06 -18.88
CA ALA E 15 14.50 6.79 -17.71
C ALA E 15 13.08 6.34 -17.34
N HIS E 16 12.86 6.14 -16.05
CA HIS E 16 11.59 5.79 -15.44
C HIS E 16 11.55 6.60 -14.15
N VAL E 17 10.72 7.64 -14.15
CA VAL E 17 10.55 8.55 -13.03
C VAL E 17 9.18 8.34 -12.41
N VAL E 18 9.05 8.60 -11.10
CA VAL E 18 7.81 8.41 -10.36
C VAL E 18 7.40 9.71 -9.66
N ALA E 19 6.10 9.87 -9.36
CA ALA E 19 5.60 11.07 -8.69
C ALA E 19 5.97 11.07 -7.18
N ASN E 20 6.19 12.29 -6.60
CA ASN E 20 6.49 12.49 -5.19
C ASN E 20 5.17 12.53 -4.41
N PRO E 21 4.93 11.51 -3.54
CA PRO E 21 3.66 11.48 -2.79
C PRO E 21 3.53 12.60 -1.74
N GLN E 22 4.65 13.24 -1.36
CA GLN E 22 4.70 14.34 -0.38
C GLN E 22 4.50 15.75 -1.01
N ALA E 23 4.29 15.83 -2.32
CA ALA E 23 4.09 17.09 -3.04
C ALA E 23 2.59 17.31 -3.22
N GLU E 24 1.92 17.81 -2.17
CA GLU E 24 0.45 18.01 -2.14
C GLU E 24 -0.09 18.94 -3.24
N GLY E 25 -1.04 18.42 -4.00
CA GLY E 25 -1.71 19.07 -5.14
C GLY E 25 -0.79 19.33 -6.31
N GLN E 26 0.30 18.55 -6.41
CA GLN E 26 1.30 18.71 -7.45
C GLN E 26 1.78 17.39 -8.08
N LEU E 27 2.14 17.46 -9.38
CA LEU E 27 2.75 16.36 -10.10
C LEU E 27 4.27 16.64 -10.29
N GLN E 28 5.07 16.21 -9.29
CA GLN E 28 6.52 16.39 -9.23
C GLN E 28 7.19 15.04 -9.40
N TRP E 29 7.97 14.88 -10.46
CA TRP E 29 8.70 13.67 -10.84
C TRP E 29 10.02 13.51 -10.08
N LEU E 30 10.32 12.28 -9.57
CA LEU E 30 11.53 11.88 -8.84
C LEU E 30 12.27 10.80 -9.62
N ASN E 31 13.62 10.87 -9.71
CA ASN E 31 14.36 9.83 -10.42
C ASN E 31 15.30 9.04 -9.49
N ARG E 32 15.76 7.86 -9.99
CA ARG E 32 16.65 6.90 -9.31
C ARG E 32 17.98 7.57 -8.89
N ARG E 33 18.66 7.03 -7.85
CA ARG E 33 19.92 7.58 -7.32
C ARG E 33 21.08 7.55 -8.33
N ASN E 40 22.66 3.88 -20.05
CA ASN E 40 23.43 5.12 -20.17
C ASN E 40 22.85 6.23 -19.26
N GLY E 41 21.50 6.36 -19.26
CA GLY E 41 20.76 7.32 -18.45
C GLY E 41 20.30 8.59 -19.16
N VAL E 42 19.03 8.96 -18.93
CA VAL E 42 18.36 10.15 -19.43
C VAL E 42 18.16 11.06 -18.20
N GLU E 43 18.43 12.37 -18.35
CA GLU E 43 18.39 13.35 -17.27
C GLU E 43 17.01 13.99 -17.06
N LEU E 44 16.65 14.18 -15.77
CA LEU E 44 15.41 14.86 -15.35
C LEU E 44 15.90 16.22 -14.85
N ARG E 45 15.55 17.30 -15.55
CA ARG E 45 16.10 18.60 -15.19
C ARG E 45 15.08 19.57 -14.56
N ASP E 46 14.09 20.08 -15.31
CA ASP E 46 13.14 21.04 -14.73
C ASP E 46 11.74 20.45 -14.69
N ASN E 47 11.64 19.29 -14.01
CA ASN E 47 10.44 18.43 -13.95
C ASN E 47 10.14 17.88 -15.40
N GLN E 48 11.21 17.84 -16.22
CA GLN E 48 11.21 17.42 -17.62
C GLN E 48 12.28 16.39 -17.91
N LEU E 49 11.98 15.46 -18.82
CA LEU E 49 12.91 14.45 -19.31
C LEU E 49 13.69 15.09 -20.49
N VAL E 50 15.04 15.14 -20.39
CA VAL E 50 15.89 15.75 -21.42
C VAL E 50 16.44 14.67 -22.35
N VAL E 51 16.10 14.75 -23.67
CA VAL E 51 16.53 13.80 -24.71
C VAL E 51 18.05 13.95 -24.95
N PRO E 52 18.90 12.90 -24.69
CA PRO E 52 20.37 13.09 -24.81
C PRO E 52 20.96 13.04 -26.22
N SER E 53 20.27 12.38 -27.17
CA SER E 53 20.71 12.23 -28.56
C SER E 53 19.52 12.07 -29.46
N GLU E 54 19.71 12.33 -30.77
CA GLU E 54 18.68 12.19 -31.79
C GLU E 54 18.31 10.69 -31.99
N GLY E 55 17.03 10.40 -32.22
CA GLY E 55 16.60 9.03 -32.43
C GLY E 55 15.16 8.70 -32.09
N LEU E 56 14.85 7.39 -32.15
CA LEU E 56 13.52 6.85 -31.85
C LEU E 56 13.40 6.43 -30.40
N TYR E 57 12.34 6.91 -29.75
CA TYR E 57 12.09 6.63 -28.34
C TYR E 57 10.65 6.24 -28.10
N LEU E 58 10.42 5.30 -27.15
CA LEU E 58 9.09 4.90 -26.66
C LEU E 58 8.89 5.80 -25.46
N ILE E 59 7.83 6.61 -25.50
CA ILE E 59 7.45 7.56 -24.45
C ILE E 59 6.18 6.99 -23.85
N TYR E 60 6.07 6.98 -22.49
CA TYR E 60 4.92 6.39 -21.78
C TYR E 60 4.73 7.02 -20.42
N SER E 61 3.48 6.99 -19.94
CA SER E 61 3.13 7.49 -18.60
C SER E 61 1.83 6.89 -18.12
N GLN E 62 1.59 7.01 -16.82
CA GLN E 62 0.36 6.66 -16.16
C GLN E 62 0.11 7.65 -15.02
N VAL E 63 -1.18 7.98 -14.80
CA VAL E 63 -1.62 8.78 -13.67
C VAL E 63 -2.91 8.14 -13.09
N LEU E 64 -3.15 8.35 -11.78
CA LEU E 64 -4.37 7.94 -11.09
C LEU E 64 -5.07 9.17 -10.48
N PHE E 65 -6.39 9.27 -10.75
CA PHE E 65 -7.29 10.28 -10.20
C PHE E 65 -8.30 9.63 -9.25
N LYS E 66 -8.55 10.29 -8.13
CA LYS E 66 -9.56 9.89 -7.15
C LYS E 66 -10.37 11.14 -6.76
N GLY E 67 -11.70 11.01 -6.88
CA GLY E 67 -12.67 12.03 -6.48
C GLY E 67 -13.61 11.48 -5.44
N GLN E 68 -13.87 12.24 -4.37
CA GLN E 68 -14.66 11.78 -3.21
C GLN E 68 -16.15 11.51 -3.42
N GLY E 69 -16.72 11.98 -4.52
CA GLY E 69 -18.13 11.80 -4.87
C GLY E 69 -18.45 12.42 -6.21
N CYS E 70 -19.73 12.36 -6.64
CA CYS E 70 -20.14 12.95 -7.92
C CYS E 70 -21.23 14.05 -7.77
N PRO E 71 -20.85 15.28 -7.37
CA PRO E 71 -21.87 16.34 -7.22
C PRO E 71 -22.40 16.85 -8.57
N SER E 72 -21.55 16.82 -9.59
CA SER E 72 -21.83 17.25 -10.95
C SER E 72 -21.35 16.20 -11.93
N THR E 73 -21.87 16.24 -13.15
CA THR E 73 -21.54 15.33 -14.24
C THR E 73 -20.38 15.95 -15.03
N HIS E 74 -20.26 17.29 -14.90
CA HIS E 74 -19.38 18.24 -15.58
C HIS E 74 -17.86 18.15 -15.26
N VAL E 75 -17.42 17.38 -14.21
CA VAL E 75 -16.00 17.17 -13.85
C VAL E 75 -15.22 16.62 -15.09
N LEU E 76 -14.00 17.14 -15.35
CA LEU E 76 -13.16 16.70 -16.48
C LEU E 76 -11.73 16.42 -16.06
N LEU E 77 -11.20 15.27 -16.50
CA LEU E 77 -9.83 14.87 -16.22
C LEU E 77 -9.07 14.81 -17.53
N THR E 78 -7.84 15.41 -17.57
CA THR E 78 -6.97 15.37 -18.74
C THR E 78 -5.58 14.99 -18.32
N HIS E 79 -4.86 14.27 -19.20
CA HIS E 79 -3.48 13.88 -19.01
C HIS E 79 -2.77 14.06 -20.35
N THR E 80 -1.67 14.83 -20.37
CA THR E 80 -0.94 15.18 -21.59
C THR E 80 0.58 15.05 -21.47
N ILE E 81 1.21 14.45 -22.52
CA ILE E 81 2.66 14.44 -22.69
C ILE E 81 2.93 15.43 -23.84
N SER E 82 3.90 16.34 -23.65
CA SER E 82 4.27 17.37 -24.63
C SER E 82 5.77 17.36 -24.95
N ARG E 83 6.10 17.85 -26.17
CA ARG E 83 7.47 18.01 -26.65
C ARG E 83 7.79 19.50 -26.79
N ILE E 84 8.88 19.89 -26.16
CA ILE E 84 9.33 21.25 -26.28
C ILE E 84 10.65 21.16 -27.02
N ALA E 85 10.56 21.43 -28.33
CA ALA E 85 11.67 21.42 -29.29
C ALA E 85 12.80 22.43 -28.96
N VAL E 86 14.07 21.97 -28.88
CA VAL E 86 15.23 22.81 -28.54
C VAL E 86 15.42 24.00 -29.52
N SER E 87 15.10 23.79 -30.82
CA SER E 87 15.26 24.77 -31.90
C SER E 87 14.06 25.71 -32.15
N TYR E 88 12.96 25.52 -31.45
CA TYR E 88 11.74 26.30 -31.65
C TYR E 88 11.14 26.83 -30.35
N GLN E 89 11.47 26.18 -29.21
CA GLN E 89 10.98 26.44 -27.85
C GLN E 89 9.42 26.54 -27.76
N THR E 90 8.76 25.74 -28.61
CA THR E 90 7.32 25.58 -28.74
C THR E 90 6.88 24.32 -27.97
N LYS E 91 5.63 24.30 -27.46
CA LYS E 91 5.08 23.18 -26.71
C LYS E 91 3.93 22.51 -27.46
N VAL E 92 4.24 21.39 -28.10
CA VAL E 92 3.31 20.61 -28.90
C VAL E 92 2.90 19.36 -28.13
N ASN E 93 1.62 18.98 -28.24
CA ASN E 93 1.06 17.76 -27.64
C ASN E 93 1.44 16.53 -28.46
N LEU E 94 2.10 15.54 -27.82
CA LEU E 94 2.49 14.27 -28.46
C LEU E 94 1.42 13.22 -28.22
N LEU E 95 0.89 13.15 -26.97
CA LEU E 95 -0.15 12.21 -26.52
C LEU E 95 -1.02 12.94 -25.52
N SER E 96 -2.34 12.75 -25.62
CA SER E 96 -3.33 13.41 -24.76
C SER E 96 -4.62 12.61 -24.66
N ALA E 97 -5.24 12.58 -23.47
CA ALA E 97 -6.51 11.88 -23.22
C ALA E 97 -7.40 12.71 -22.29
N ILE E 98 -8.75 12.61 -22.47
CA ILE E 98 -9.77 13.30 -21.69
C ILE E 98 -10.79 12.26 -21.19
N LYS E 99 -11.18 12.34 -19.91
CA LYS E 99 -12.10 11.41 -19.28
C LYS E 99 -13.02 12.12 -18.32
N SER E 100 -14.33 11.89 -18.45
CA SER E 100 -15.36 12.43 -17.54
C SER E 100 -15.73 11.29 -16.56
N PRO E 101 -15.27 11.35 -15.28
CA PRO E 101 -15.46 10.21 -14.38
C PRO E 101 -16.87 10.01 -13.81
N CYS E 102 -17.73 11.06 -13.87
CA CYS E 102 -19.07 11.06 -13.32
C CYS E 102 -20.14 10.93 -14.40
N ALA E 112 -22.56 10.01 -1.15
CA ALA E 112 -21.37 10.27 -1.96
C ALA E 112 -20.30 9.19 -1.72
N LYS E 113 -20.01 8.41 -2.80
CA LYS E 113 -19.02 7.32 -2.80
C LYS E 113 -17.79 7.63 -3.71
N PRO E 114 -16.55 7.36 -3.22
CA PRO E 114 -15.34 7.69 -4.00
C PRO E 114 -15.16 6.89 -5.28
N TRP E 115 -14.63 7.54 -6.33
CA TRP E 115 -14.32 6.95 -7.63
C TRP E 115 -12.80 6.99 -7.90
N TYR E 116 -12.30 6.07 -8.74
CA TYR E 116 -10.89 6.00 -9.14
C TYR E 116 -10.78 5.85 -10.65
N GLU E 117 -9.89 6.65 -11.29
CA GLU E 117 -9.72 6.60 -12.73
C GLU E 117 -8.27 6.69 -13.16
N PRO E 118 -7.70 5.60 -13.71
CA PRO E 118 -6.34 5.67 -14.26
C PRO E 118 -6.32 6.15 -15.73
N ILE E 119 -5.25 6.89 -16.12
CA ILE E 119 -5.07 7.31 -17.52
C ILE E 119 -3.68 6.85 -18.00
N TYR E 120 -3.66 6.16 -19.17
CA TYR E 120 -2.50 5.58 -19.84
C TYR E 120 -2.17 6.32 -21.15
N LEU E 121 -0.88 6.62 -21.38
CA LEU E 121 -0.42 7.24 -22.62
C LEU E 121 0.92 6.63 -22.96
N GLY E 122 1.17 6.46 -24.26
CA GLY E 122 2.44 5.92 -24.75
C GLY E 122 2.49 5.68 -26.24
N GLY E 123 3.69 5.87 -26.82
CA GLY E 123 3.95 5.75 -28.25
C GLY E 123 5.40 5.95 -28.68
N VAL E 124 5.69 5.68 -29.96
CA VAL E 124 7.04 5.80 -30.58
C VAL E 124 7.16 7.14 -31.30
N PHE E 125 8.26 7.87 -31.06
CA PHE E 125 8.49 9.20 -31.63
C PHE E 125 9.94 9.44 -31.95
N GLN E 126 10.17 10.15 -33.08
CA GLN E 126 11.49 10.61 -33.55
C GLN E 126 11.75 11.91 -32.78
N LEU E 127 12.82 11.91 -31.97
CA LEU E 127 13.12 13.10 -31.16
C LEU E 127 14.54 13.60 -31.41
N GLU E 128 14.78 14.93 -31.23
CA GLU E 128 16.08 15.58 -31.44
C GLU E 128 16.85 15.83 -30.14
N LYS E 129 18.20 15.96 -30.20
CA LYS E 129 19.02 16.19 -28.99
C LYS E 129 18.68 17.56 -28.36
N GLY E 130 18.41 17.54 -27.05
CA GLY E 130 18.11 18.74 -26.29
C GLY E 130 16.64 18.95 -26.03
N ASP E 131 15.78 18.20 -26.76
CA ASP E 131 14.31 18.23 -26.63
C ASP E 131 13.93 17.88 -25.20
N ARG E 132 12.89 18.53 -24.72
CA ARG E 132 12.40 18.33 -23.37
C ARG E 132 10.98 17.78 -23.41
N LEU E 133 10.68 16.85 -22.52
CA LEU E 133 9.35 16.25 -22.48
C LEU E 133 8.73 16.50 -21.14
N SER E 134 7.46 16.88 -21.15
CA SER E 134 6.73 17.12 -19.91
C SER E 134 5.49 16.21 -19.85
N ALA E 135 5.05 15.84 -18.61
CA ALA E 135 3.86 14.99 -18.40
C ALA E 135 3.00 15.71 -17.39
N GLU E 136 1.82 16.21 -17.84
CA GLU E 136 0.95 17.07 -17.04
C GLU E 136 -0.50 16.64 -16.97
N ILE E 137 -1.18 17.09 -15.89
CA ILE E 137 -2.59 16.82 -15.62
C ILE E 137 -3.31 18.12 -15.23
N ASN E 138 -4.60 18.26 -15.62
CA ASN E 138 -5.39 19.45 -15.34
C ASN E 138 -5.92 19.49 -13.92
N ARG E 139 -5.96 18.32 -13.27
CA ARG E 139 -6.51 18.21 -11.93
C ARG E 139 -5.56 17.54 -10.95
N PRO E 140 -4.44 18.23 -10.57
CA PRO E 140 -3.49 17.59 -9.62
C PRO E 140 -4.02 17.44 -8.20
N ASP E 141 -5.19 18.04 -7.93
CA ASP E 141 -5.83 17.99 -6.63
C ASP E 141 -6.50 16.62 -6.45
N TYR E 142 -6.68 15.88 -7.57
CA TYR E 142 -7.29 14.55 -7.61
C TYR E 142 -6.25 13.43 -7.71
N LEU E 143 -4.95 13.77 -7.84
CA LEU E 143 -3.88 12.79 -7.99
C LEU E 143 -3.85 11.80 -6.82
N ASP E 144 -3.77 10.49 -7.12
CA ASP E 144 -3.79 9.49 -6.04
C ASP E 144 -2.72 8.41 -6.14
N PHE E 145 -2.33 7.87 -4.97
CA PHE E 145 -1.30 6.83 -4.87
C PHE E 145 -1.87 5.47 -4.40
N ALA E 146 -3.19 5.22 -4.65
CA ALA E 146 -3.84 3.94 -4.30
C ALA E 146 -3.49 2.86 -5.35
N GLU E 147 -3.87 1.60 -5.09
CA GLU E 147 -3.54 0.43 -5.92
C GLU E 147 -4.28 0.31 -7.28
N SER E 148 -5.25 1.17 -7.56
CA SER E 148 -5.96 1.07 -8.84
C SER E 148 -5.14 1.68 -10.01
N GLY E 149 -3.90 2.05 -9.69
CA GLY E 149 -2.95 2.60 -10.63
C GLY E 149 -1.56 2.72 -10.05
N GLN E 150 -0.70 3.49 -10.74
CA GLN E 150 0.68 3.82 -10.36
C GLN E 150 0.99 5.12 -11.11
N VAL E 151 1.63 6.11 -10.50
CA VAL E 151 1.91 7.32 -11.27
C VAL E 151 3.42 7.39 -11.56
N TYR E 152 3.72 7.33 -12.87
CA TYR E 152 5.07 7.32 -13.46
C TYR E 152 5.13 7.94 -14.85
N PHE E 153 6.35 8.20 -15.32
CA PHE E 153 6.67 8.79 -16.61
C PHE E 153 8.01 8.20 -17.09
N GLY E 154 8.08 7.74 -18.34
CA GLY E 154 9.31 7.15 -18.85
C GLY E 154 9.68 7.34 -20.31
N ILE E 155 10.94 7.03 -20.62
CA ILE E 155 11.54 7.09 -21.96
C ILE E 155 12.54 5.93 -22.12
N ILE E 156 12.37 5.12 -23.17
CA ILE E 156 13.31 4.04 -23.47
C ILE E 156 13.81 4.23 -24.93
N ALA E 157 15.14 4.26 -25.16
CA ALA E 157 15.68 4.40 -26.51
C ALA E 157 15.58 3.06 -27.30
N LEU E 158 14.91 3.08 -28.48
CA LEU E 158 14.74 1.90 -29.35
C LEU E 158 16.03 1.52 -30.08
N THR F 8 24.29 5.67 -34.07
CA THR F 8 23.86 4.30 -34.35
C THR F 8 22.33 4.25 -34.52
N PRO F 9 21.81 4.64 -35.73
CA PRO F 9 20.35 4.64 -35.94
C PRO F 9 19.72 3.25 -35.98
N SER F 10 18.67 3.05 -35.16
CA SER F 10 17.95 1.77 -35.00
C SER F 10 17.32 1.25 -36.29
N ASP F 11 17.49 -0.06 -36.50
CA ASP F 11 16.97 -0.81 -37.63
C ASP F 11 15.65 -1.54 -37.27
N LYS F 12 15.08 -1.27 -36.08
CA LYS F 12 13.85 -1.94 -35.63
C LYS F 12 12.61 -1.46 -36.37
N PRO F 13 11.84 -2.37 -37.01
CA PRO F 13 10.58 -1.95 -37.65
C PRO F 13 9.64 -1.27 -36.64
N VAL F 14 9.29 0.00 -36.87
CA VAL F 14 8.39 0.78 -35.98
C VAL F 14 7.35 1.55 -36.78
N ALA F 15 6.26 1.98 -36.11
CA ALA F 15 5.19 2.80 -36.67
C ALA F 15 4.40 3.48 -35.56
N HIS F 16 4.00 4.74 -35.81
CA HIS F 16 3.11 5.54 -34.97
C HIS F 16 2.27 6.37 -35.95
N VAL F 17 1.01 5.98 -36.15
CA VAL F 17 0.08 6.62 -37.08
C VAL F 17 -1.04 7.29 -36.30
N VAL F 18 -1.50 8.42 -36.82
CA VAL F 18 -2.52 9.24 -36.16
C VAL F 18 -3.75 9.40 -37.05
N ALA F 19 -4.92 9.66 -36.47
CA ALA F 19 -6.15 9.86 -37.25
C ALA F 19 -6.09 11.16 -38.06
N ASN F 20 -6.67 11.15 -39.27
CA ASN F 20 -6.76 12.32 -40.15
C ASN F 20 -7.89 13.24 -39.66
N PRO F 21 -7.58 14.49 -39.20
CA PRO F 21 -8.66 15.37 -38.71
C PRO F 21 -9.63 15.88 -39.78
N GLN F 22 -9.20 15.80 -41.05
CA GLN F 22 -9.98 16.22 -42.21
C GLN F 22 -10.97 15.15 -42.70
N ALA F 23 -10.85 13.88 -42.21
CA ALA F 23 -11.71 12.75 -42.61
C ALA F 23 -12.97 12.60 -41.72
N GLU F 24 -14.03 13.39 -42.06
CA GLU F 24 -15.32 13.48 -41.36
C GLU F 24 -16.03 12.13 -41.20
N GLY F 25 -16.37 11.81 -39.94
CA GLY F 25 -17.04 10.59 -39.52
C GLY F 25 -16.32 9.32 -39.92
N GLN F 26 -14.96 9.40 -40.00
CA GLN F 26 -14.11 8.30 -40.43
C GLN F 26 -12.79 8.18 -39.65
N LEU F 27 -12.39 6.92 -39.36
CA LEU F 27 -11.12 6.66 -38.70
C LEU F 27 -10.12 6.26 -39.77
N GLN F 28 -9.46 7.28 -40.35
CA GLN F 28 -8.46 7.11 -41.39
C GLN F 28 -7.10 7.43 -40.80
N TRP F 29 -6.22 6.42 -40.75
CA TRP F 29 -4.85 6.56 -40.22
C TRP F 29 -3.90 7.25 -41.19
N LEU F 30 -3.02 8.08 -40.64
CA LEU F 30 -2.04 8.87 -41.34
C LEU F 30 -0.67 8.86 -40.67
N ASN F 31 0.38 8.74 -41.47
CA ASN F 31 1.79 8.87 -41.11
C ASN F 31 2.15 10.21 -41.80
N ARG F 32 3.45 10.58 -41.94
CA ARG F 32 3.85 11.83 -42.63
C ARG F 32 2.97 13.04 -42.19
N ARG F 33 2.99 13.28 -40.88
CA ARG F 33 2.32 14.35 -40.16
C ARG F 33 3.30 14.80 -39.14
N ALA F 34 2.97 15.86 -38.40
CA ALA F 34 3.78 16.49 -37.37
C ALA F 34 4.63 15.53 -36.53
N ASN F 35 4.00 14.51 -35.87
CA ASN F 35 4.78 13.57 -35.02
C ASN F 35 4.42 12.07 -35.24
N ALA F 36 3.91 11.75 -36.44
CA ALA F 36 3.58 10.40 -36.88
C ALA F 36 4.75 9.86 -37.73
N LEU F 37 4.86 8.53 -37.90
CA LEU F 37 5.95 7.91 -38.67
C LEU F 37 5.70 6.46 -39.08
N LEU F 38 6.52 6.00 -40.02
CA LEU F 38 6.67 4.64 -40.55
C LEU F 38 8.16 4.49 -40.73
N ALA F 39 8.73 3.39 -40.26
CA ALA F 39 10.17 3.19 -40.36
C ALA F 39 10.57 1.72 -40.41
N ASN F 40 11.75 1.46 -41.00
CA ASN F 40 12.41 0.15 -41.16
C ASN F 40 11.49 -0.96 -41.70
N GLY F 41 10.78 -0.64 -42.79
CA GLY F 41 9.94 -1.59 -43.49
C GLY F 41 8.45 -1.57 -43.22
N VAL F 42 8.01 -0.88 -42.14
CA VAL F 42 6.58 -0.84 -41.84
C VAL F 42 5.85 0.02 -42.89
N GLU F 43 4.77 -0.51 -43.45
CA GLU F 43 3.99 0.15 -44.50
C GLU F 43 2.56 0.47 -44.05
N LEU F 44 1.96 1.52 -44.63
CA LEU F 44 0.58 1.88 -44.35
C LEU F 44 -0.19 1.74 -45.67
N ARG F 45 -0.82 0.58 -45.87
CA ARG F 45 -1.55 0.33 -47.10
C ARG F 45 -2.95 -0.22 -46.78
N ASP F 46 -3.98 0.33 -47.44
CA ASP F 46 -5.41 -0.03 -47.27
C ASP F 46 -5.89 0.18 -45.83
N ASN F 47 -5.38 1.29 -45.19
CA ASN F 47 -5.65 1.76 -43.83
C ASN F 47 -5.22 0.75 -42.76
N GLN F 48 -4.16 -0.04 -43.05
CA GLN F 48 -3.66 -1.05 -42.12
C GLN F 48 -2.13 -1.06 -42.13
N LEU F 49 -1.54 -1.43 -40.99
CA LEU F 49 -0.10 -1.52 -40.88
C LEU F 49 0.38 -2.88 -41.37
N VAL F 50 1.37 -2.89 -42.28
CA VAL F 50 1.92 -4.10 -42.88
C VAL F 50 3.23 -4.44 -42.20
N VAL F 51 3.32 -5.67 -41.64
CA VAL F 51 4.47 -6.19 -40.87
C VAL F 51 5.63 -6.57 -41.82
N PRO F 52 6.82 -5.96 -41.68
CA PRO F 52 7.92 -6.28 -42.61
C PRO F 52 8.68 -7.58 -42.35
N SER F 53 8.73 -8.05 -41.11
CA SER F 53 9.46 -9.27 -40.73
C SER F 53 8.84 -9.97 -39.54
N GLU F 54 9.08 -11.29 -39.43
CA GLU F 54 8.52 -12.08 -38.35
C GLU F 54 9.21 -11.86 -37.02
N GLY F 55 8.44 -11.95 -35.94
CA GLY F 55 8.94 -11.78 -34.59
C GLY F 55 7.94 -11.26 -33.58
N LEU F 56 8.45 -10.95 -32.38
CA LEU F 56 7.65 -10.43 -31.27
C LEU F 56 7.54 -8.94 -31.39
N TYR F 57 6.33 -8.43 -31.45
CA TYR F 57 6.03 -7.01 -31.61
C TYR F 57 5.21 -6.45 -30.45
N LEU F 58 5.48 -5.19 -30.10
CA LEU F 58 4.71 -4.44 -29.11
C LEU F 58 3.65 -3.69 -29.91
N ILE F 59 2.37 -3.92 -29.60
CA ILE F 59 1.24 -3.29 -30.27
C ILE F 59 0.47 -2.45 -29.22
N TYR F 60 0.02 -1.24 -29.63
CA TYR F 60 -0.74 -0.27 -28.82
C TYR F 60 -1.64 0.62 -29.67
N SER F 61 -2.68 1.21 -29.04
CA SER F 61 -3.62 2.14 -29.64
C SER F 61 -4.46 2.89 -28.64
N GLN F 62 -4.83 4.12 -28.99
CA GLN F 62 -5.73 4.95 -28.21
C GLN F 62 -6.71 5.65 -29.13
N VAL F 63 -7.96 5.69 -28.71
CA VAL F 63 -9.02 6.41 -29.40
C VAL F 63 -9.77 7.21 -28.33
N LEU F 64 -10.32 8.37 -28.73
CA LEU F 64 -11.10 9.22 -27.85
C LEU F 64 -12.46 9.47 -28.46
N PHE F 65 -13.53 9.27 -27.65
CA PHE F 65 -14.94 9.48 -28.02
C PHE F 65 -15.54 10.65 -27.22
N LYS F 66 -16.30 11.54 -27.90
CA LYS F 66 -16.99 12.70 -27.30
C LYS F 66 -18.42 12.80 -27.86
N GLY F 67 -19.38 13.09 -26.98
CA GLY F 67 -20.80 13.26 -27.27
C GLY F 67 -21.36 14.44 -26.50
N GLN F 68 -22.22 15.26 -27.14
CA GLN F 68 -22.80 16.47 -26.52
C GLN F 68 -24.06 16.18 -25.67
N GLY F 69 -24.43 14.91 -25.55
CA GLY F 69 -25.57 14.47 -24.77
C GLY F 69 -25.77 12.98 -24.78
N CYS F 70 -26.76 12.51 -24.01
CA CYS F 70 -27.06 11.08 -23.90
C CYS F 70 -28.45 10.70 -24.48
N PRO F 71 -28.48 10.01 -25.65
CA PRO F 71 -29.77 9.61 -26.24
C PRO F 71 -30.39 8.38 -25.59
N SER F 72 -31.51 7.88 -26.19
CA SER F 72 -32.25 6.69 -25.75
C SER F 72 -31.36 5.44 -25.76
N THR F 73 -31.62 4.53 -24.79
CA THR F 73 -30.92 3.27 -24.46
C THR F 73 -29.44 3.57 -24.10
N HIS F 74 -28.69 2.51 -23.78
CA HIS F 74 -27.29 2.64 -23.47
C HIS F 74 -26.50 2.58 -24.77
N VAL F 75 -25.76 3.67 -25.04
CA VAL F 75 -24.91 3.79 -26.21
C VAL F 75 -23.62 3.01 -25.91
N LEU F 76 -23.14 2.22 -26.89
CA LEU F 76 -21.96 1.38 -26.71
C LEU F 76 -20.82 1.81 -27.61
N LEU F 77 -19.62 1.94 -27.03
CA LEU F 77 -18.41 2.30 -27.77
C LEU F 77 -17.45 1.13 -27.70
N THR F 78 -16.90 0.73 -28.86
CA THR F 78 -15.95 -0.39 -28.95
C THR F 78 -14.72 0.03 -29.76
N HIS F 79 -13.58 -0.60 -29.43
CA HIS F 79 -12.31 -0.38 -30.08
C HIS F 79 -11.61 -1.72 -30.15
N THR F 80 -11.24 -2.13 -31.37
CA THR F 80 -10.64 -3.44 -31.64
C THR F 80 -9.38 -3.37 -32.48
N ILE F 81 -8.35 -4.15 -32.11
CA ILE F 81 -7.11 -4.34 -32.86
C ILE F 81 -7.17 -5.78 -33.36
N SER F 82 -7.09 -5.96 -34.71
CA SER F 82 -7.20 -7.25 -35.41
C SER F 82 -5.98 -7.56 -36.26
N ARG F 83 -5.74 -8.88 -36.52
CA ARG F 83 -4.64 -9.38 -37.36
C ARG F 83 -5.17 -10.17 -38.55
N ILE F 84 -4.61 -9.91 -39.76
CA ILE F 84 -4.93 -10.66 -40.98
C ILE F 84 -3.65 -11.34 -41.50
N ALA F 85 -3.69 -12.69 -41.61
CA ALA F 85 -2.57 -13.52 -42.10
C ALA F 85 -2.23 -13.20 -43.56
N VAL F 86 -0.96 -13.43 -43.95
CA VAL F 86 -0.48 -13.16 -45.31
C VAL F 86 -1.17 -14.08 -46.37
N SER F 87 -1.91 -13.44 -47.32
CA SER F 87 -2.66 -14.04 -48.44
C SER F 87 -3.86 -14.95 -47.99
N TYR F 88 -4.61 -14.55 -46.94
CA TYR F 88 -5.75 -15.32 -46.42
C TYR F 88 -6.97 -14.49 -46.02
N GLN F 89 -6.78 -13.21 -45.62
CA GLN F 89 -7.82 -12.27 -45.16
C GLN F 89 -8.53 -12.69 -43.84
N THR F 90 -7.99 -13.72 -43.13
CA THR F 90 -8.48 -14.28 -41.85
C THR F 90 -8.29 -13.21 -40.75
N LYS F 91 -9.41 -12.59 -40.30
CA LYS F 91 -9.40 -11.49 -39.32
C LYS F 91 -9.67 -11.93 -37.87
N VAL F 92 -8.58 -12.17 -37.10
CA VAL F 92 -8.61 -12.56 -35.68
C VAL F 92 -8.39 -11.35 -34.76
N ASN F 93 -9.18 -11.28 -33.66
CA ASN F 93 -9.08 -10.21 -32.66
C ASN F 93 -7.88 -10.42 -31.77
N LEU F 94 -7.04 -9.39 -31.64
CA LEU F 94 -5.89 -9.43 -30.74
C LEU F 94 -6.26 -8.76 -29.39
N LEU F 95 -6.88 -7.55 -29.45
CA LEU F 95 -7.29 -6.72 -28.31
C LEU F 95 -8.62 -6.05 -28.61
N SER F 96 -9.49 -5.94 -27.59
CA SER F 96 -10.82 -5.36 -27.73
C SER F 96 -11.32 -4.80 -26.40
N ALA F 97 -12.15 -3.73 -26.45
CA ALA F 97 -12.73 -3.07 -25.27
C ALA F 97 -14.12 -2.50 -25.55
N ILE F 98 -14.99 -2.52 -24.53
CA ILE F 98 -16.36 -2.01 -24.61
C ILE F 98 -16.60 -1.03 -23.44
N LYS F 99 -17.12 0.17 -23.76
CA LYS F 99 -17.42 1.25 -22.81
C LYS F 99 -18.83 1.78 -23.09
N SER F 100 -19.60 2.04 -22.01
CA SER F 100 -20.96 2.58 -22.07
C SER F 100 -20.91 3.98 -21.44
N PRO F 101 -20.83 5.06 -22.26
CA PRO F 101 -20.68 6.40 -21.68
C PRO F 101 -21.95 6.95 -21.06
N CYS F 102 -23.10 6.45 -21.52
CA CYS F 102 -24.39 6.94 -21.11
C CYS F 102 -25.11 6.02 -20.15
N GLN F 103 -24.90 6.29 -18.85
CA GLN F 103 -25.52 5.57 -17.74
C GLN F 103 -26.88 6.23 -17.41
N ARG F 104 -27.95 5.71 -18.07
CA ARG F 104 -29.36 6.13 -17.97
C ARG F 104 -29.60 7.57 -18.48
N ALA F 112 -27.45 21.03 -22.84
CA ALA F 112 -26.43 20.08 -23.26
C ALA F 112 -25.23 20.00 -22.31
N LYS F 113 -24.63 18.80 -22.23
CA LYS F 113 -23.46 18.50 -21.39
C LYS F 113 -22.53 17.50 -22.10
N PRO F 114 -21.33 17.93 -22.54
CA PRO F 114 -20.43 17.00 -23.27
C PRO F 114 -19.73 15.96 -22.38
N TRP F 115 -19.60 14.72 -22.89
CA TRP F 115 -18.93 13.62 -22.19
C TRP F 115 -17.70 13.16 -22.98
N TYR F 116 -16.71 12.57 -22.29
CA TYR F 116 -15.48 12.07 -22.92
C TYR F 116 -15.15 10.67 -22.42
N GLU F 117 -14.78 9.79 -23.36
CA GLU F 117 -14.40 8.42 -23.04
C GLU F 117 -13.18 7.98 -23.82
N PRO F 118 -12.00 7.85 -23.16
CA PRO F 118 -10.83 7.32 -23.88
C PRO F 118 -10.80 5.80 -23.78
N ILE F 119 -10.19 5.13 -24.77
CA ILE F 119 -9.98 3.69 -24.79
C ILE F 119 -8.52 3.43 -25.17
N TYR F 120 -7.72 2.82 -24.26
CA TYR F 120 -6.33 2.48 -24.55
C TYR F 120 -6.16 0.94 -24.58
N LEU F 121 -5.59 0.40 -25.67
CA LEU F 121 -5.32 -1.03 -25.82
C LEU F 121 -3.83 -1.26 -26.06
N GLY F 122 -3.29 -2.34 -25.48
CA GLY F 122 -1.89 -2.73 -25.60
C GLY F 122 -1.61 -4.18 -25.22
N GLY F 123 -0.51 -4.71 -25.75
CA GLY F 123 -0.07 -6.09 -25.54
C GLY F 123 1.19 -6.46 -26.31
N VAL F 124 1.59 -7.77 -26.22
CA VAL F 124 2.74 -8.40 -26.88
C VAL F 124 2.25 -9.56 -27.74
N PHE F 125 2.64 -9.55 -29.04
CA PHE F 125 2.18 -10.53 -30.02
C PHE F 125 3.26 -11.03 -30.96
N GLN F 126 3.22 -12.35 -31.30
CA GLN F 126 4.11 -12.96 -32.29
C GLN F 126 3.45 -12.70 -33.65
N LEU F 127 4.16 -11.98 -34.54
CA LEU F 127 3.68 -11.67 -35.90
C LEU F 127 4.55 -12.31 -36.99
N GLU F 128 3.97 -12.51 -38.18
CA GLU F 128 4.66 -13.08 -39.35
C GLU F 128 4.85 -12.00 -40.43
N LYS F 129 5.84 -12.16 -41.33
CA LYS F 129 6.04 -11.22 -42.44
C LYS F 129 4.82 -11.24 -43.39
N GLY F 130 4.31 -10.05 -43.69
CA GLY F 130 3.19 -9.90 -44.60
C GLY F 130 1.87 -9.69 -43.89
N ASP F 131 1.83 -9.91 -42.57
CA ASP F 131 0.65 -9.72 -41.73
C ASP F 131 0.16 -8.28 -41.80
N ARG F 132 -1.15 -8.10 -41.65
CA ARG F 132 -1.76 -6.77 -41.66
C ARG F 132 -2.49 -6.53 -40.35
N LEU F 133 -2.25 -5.36 -39.73
CA LEU F 133 -2.87 -4.99 -38.47
C LEU F 133 -3.80 -3.80 -38.67
N SER F 134 -5.04 -3.92 -38.18
CA SER F 134 -6.04 -2.84 -38.24
C SER F 134 -6.49 -2.45 -36.83
N ALA F 135 -6.85 -1.16 -36.63
CA ALA F 135 -7.36 -0.62 -35.38
C ALA F 135 -8.66 0.10 -35.75
N GLU F 136 -9.78 -0.48 -35.32
CA GLU F 136 -11.10 0.00 -35.72
C GLU F 136 -11.99 0.30 -34.54
N ILE F 137 -13.02 1.15 -34.77
CA ILE F 137 -14.03 1.57 -33.82
C ILE F 137 -15.44 1.36 -34.40
N ASN F 138 -16.46 1.24 -33.53
CA ASN F 138 -17.84 1.06 -33.98
C ASN F 138 -18.55 2.38 -34.29
N ARG F 139 -18.21 3.46 -33.57
CA ARG F 139 -18.88 4.74 -33.71
C ARG F 139 -17.92 5.88 -34.11
N PRO F 140 -17.61 6.00 -35.44
CA PRO F 140 -16.69 7.07 -35.88
C PRO F 140 -17.32 8.47 -35.83
N ASP F 141 -18.63 8.54 -35.57
CA ASP F 141 -19.35 9.80 -35.45
C ASP F 141 -19.07 10.48 -34.09
N TYR F 142 -18.56 9.69 -33.11
CA TYR F 142 -18.20 10.14 -31.77
C TYR F 142 -16.72 10.44 -31.61
N LEU F 143 -15.87 9.98 -32.54
CA LEU F 143 -14.43 10.19 -32.50
C LEU F 143 -14.05 11.67 -32.33
N ASP F 144 -13.16 11.99 -31.36
CA ASP F 144 -12.73 13.39 -31.13
C ASP F 144 -11.27 13.61 -31.49
N PHE F 145 -11.01 14.33 -32.61
CA PHE F 145 -9.66 14.71 -33.07
C PHE F 145 -9.51 16.23 -33.16
N ALA F 146 -10.17 16.95 -32.24
CA ALA F 146 -10.14 18.41 -32.09
C ALA F 146 -8.72 18.95 -31.81
N GLU F 147 -7.85 18.11 -31.21
CA GLU F 147 -6.47 18.42 -30.85
C GLU F 147 -5.55 17.23 -31.12
N SER F 148 -4.23 17.49 -31.15
CA SER F 148 -3.17 16.52 -31.37
C SER F 148 -3.02 15.54 -30.18
N GLY F 149 -2.55 14.32 -30.51
CA GLY F 149 -2.29 13.22 -29.58
C GLY F 149 -3.48 12.52 -28.96
N GLN F 150 -4.72 12.79 -29.44
CA GLN F 150 -5.96 12.20 -28.89
C GLN F 150 -6.33 10.79 -29.45
N VAL F 151 -5.98 10.48 -30.71
CA VAL F 151 -6.29 9.19 -31.35
C VAL F 151 -5.13 8.74 -32.25
N TYR F 152 -4.48 7.59 -31.89
CA TYR F 152 -3.26 7.01 -32.48
C TYR F 152 -3.21 5.47 -32.43
N PHE F 153 -2.30 4.88 -33.25
CA PHE F 153 -2.10 3.44 -33.43
C PHE F 153 -0.63 3.20 -33.80
N GLY F 154 0.02 2.23 -33.18
CA GLY F 154 1.43 1.98 -33.47
C GLY F 154 1.95 0.63 -33.08
N ILE F 155 3.13 0.28 -33.60
CA ILE F 155 3.81 -1.00 -33.34
C ILE F 155 5.32 -0.79 -33.12
N ILE F 156 5.95 -1.69 -32.38
CA ILE F 156 7.40 -1.61 -32.17
C ILE F 156 7.93 -3.00 -31.99
N ALA F 157 8.77 -3.45 -32.93
CA ALA F 157 9.39 -4.78 -32.89
C ALA F 157 10.37 -4.87 -31.71
N LEU F 158 10.51 -6.07 -31.13
CA LEU F 158 11.42 -6.31 -30.03
C LEU F 158 12.82 -6.75 -30.52
#